data_2WEV
#
_entry.id   2WEV
#
_cell.length_a   74.523
_cell.length_b   113.844
_cell.length_c   158.462
_cell.angle_alpha   90.00
_cell.angle_beta   90.00
_cell.angle_gamma   90.00
#
_symmetry.space_group_name_H-M   'P 21 21 21'
#
loop_
_entity.id
_entity.type
_entity.pdbx_description
1 polymer 'CELL DIVISION PROTEIN KINASE 2'
2 polymer CYCLIN-A2
3 polymer ARG-ARG-B3L-MEA
4 non-polymer [4-(2-AMINO-4-METHYL-THIAZOL-5-YL)-PYRIMIDIN-2-YL]-(3-NITRO-PHENYL)-AMINE
5 water water
#
loop_
_entity_poly.entity_id
_entity_poly.type
_entity_poly.pdbx_seq_one_letter_code
_entity_poly.pdbx_strand_id
1 'polypeptide(L)'
;MENFQKVEKIGEGTYGVVYKARNKLTGEVVALKKIRLDTETEGVPSTAIREISLLKELNHPNIVKLLDVIHTENKLYLVF
EFLHQDLKKFMDASALTGIPLPLIKSYLFQLLQGLAFCHSHRVLHRDLKPQNLLINTEGAIKLADFGLARAFGVPVRTYT
HEVVTLWYRAPEILLGCKYYSTAVDIWSLGCIFAEMVTRRALFPGDSEIDQLFRIFRTLGTPDEVVWPGVTSMPDYKPSF
PKWARQDFSKVVPPLDEDGRSLLSQMLHYDPNKRISAKAALAHPFFQDVTKPVPHLRL
;
A,C
2 'polypeptide(L)'
;NEVPDYHEDIHTYLREMEVKCKPKVGYMKKQPDITNSMRAILVDWLVEVGEEYKLQNETLHLAVNYIDRFLSSMSVLRGK
LQLVGTAAMLLASKFEEIYPPEVAEFVYITDDTYTKKQVLRMEHLVLKVLTFDLAAPTVNQFLTQYFLHQQPANCKVESL
AMFLGELSLIDADPYLKYLPSVIAGAAFHLALYTVTGQSWPESLIRKTGYTLESLKPCLMDLHQTYLKAPQHAQQSIREK
YKNSKYHGVSLLNPPETLNL
;
B,D
3 'polypeptide(L)' (ACE)RR(B3L)(MEA)(NH2) E,F
#
loop_
_chem_comp.id
_chem_comp.type
_chem_comp.name
_chem_comp.formula
ACE non-polymer 'ACETYL GROUP' 'C2 H4 O'
CK7 non-polymer [4-(2-AMINO-4-METHYL-THIAZOL-5-YL)-PYRIMIDIN-2-YL]-(3-NITRO-PHENYL)-AMINE 'C14 H12 N6 O2 S'
NH2 non-polymer 'AMINO GROUP' 'H2 N'
#
# COMPACT_ATOMS: atom_id res chain seq x y z
N MET A 1 10.19 15.58 -7.75
CA MET A 1 11.58 16.14 -7.93
C MET A 1 11.75 17.63 -7.57
N GLU A 2 10.65 18.39 -7.55
CA GLU A 2 10.65 19.79 -7.09
C GLU A 2 11.25 19.98 -5.70
N ASN A 3 11.11 18.98 -4.84
CA ASN A 3 11.60 19.10 -3.46
C ASN A 3 13.07 18.67 -3.25
N PHE A 4 13.80 18.40 -4.33
CA PHE A 4 15.22 18.05 -4.24
C PHE A 4 16.11 19.10 -4.93
N GLN A 5 17.22 19.45 -4.28
CA GLN A 5 18.25 20.27 -4.90
C GLN A 5 19.49 19.41 -5.07
N LYS A 6 19.90 19.22 -6.31
CA LYS A 6 21.13 18.51 -6.60
C LYS A 6 22.30 19.31 -6.02
N VAL A 7 23.20 18.61 -5.33
CA VAL A 7 24.38 19.24 -4.71
C VAL A 7 25.61 19.00 -5.60
N GLU A 8 25.82 17.74 -5.98
CA GLU A 8 26.98 17.31 -6.78
C GLU A 8 26.86 15.85 -7.25
N LYS A 9 27.52 15.53 -8.34
CA LYS A 9 27.67 14.14 -8.77
C LYS A 9 28.60 13.38 -7.85
N ILE A 10 28.20 12.21 -7.38
CA ILE A 10 29.08 11.41 -6.53
C ILE A 10 29.52 10.09 -7.15
N GLY A 11 28.94 9.72 -8.29
CA GLY A 11 29.34 8.50 -8.91
C GLY A 11 28.39 8.03 -9.99
N GLU A 12 28.61 6.81 -10.45
CA GLU A 12 27.73 6.13 -11.37
C GLU A 12 27.49 4.71 -10.93
N GLY A 13 26.26 4.24 -11.12
CA GLY A 13 25.95 2.83 -10.99
C GLY A 13 25.51 2.23 -12.33
N THR A 14 24.89 1.07 -12.25
CA THR A 14 24.41 0.35 -13.42
C THR A 14 23.36 1.17 -14.11
N TYR A 15 23.69 1.68 -15.29
CA TYR A 15 22.77 2.44 -16.12
C TYR A 15 22.08 3.63 -15.39
N GLY A 16 22.86 4.36 -14.62
CA GLY A 16 22.38 5.56 -13.96
C GLY A 16 23.46 6.34 -13.25
N VAL A 17 23.34 7.65 -13.24
CA VAL A 17 24.28 8.52 -12.56
C VAL A 17 23.75 8.85 -11.16
N VAL A 18 24.67 8.85 -10.18
CA VAL A 18 24.31 9.02 -8.78
C VAL A 18 24.67 10.46 -8.33
N TYR A 19 23.68 11.19 -7.80
CA TYR A 19 23.88 12.55 -7.25
C TYR A 19 23.62 12.61 -5.75
N LYS A 20 24.43 13.43 -5.06
CA LYS A 20 24.10 13.86 -3.73
C LYS A 20 23.07 14.98 -3.88
N ALA A 21 21.99 14.86 -3.13
CA ALA A 21 20.92 15.84 -3.19
C ALA A 21 20.36 16.09 -1.79
N ARG A 22 19.72 17.22 -1.60
CA ARG A 22 19.07 17.52 -0.33
C ARG A 22 17.59 17.79 -0.56
N ASN A 23 16.78 17.25 0.33
CA ASN A 23 15.38 17.59 0.45
C ASN A 23 15.22 18.99 1.04
N LYS A 24 14.60 19.86 0.26
CA LYS A 24 14.51 21.26 0.62
C LYS A 24 13.45 21.49 1.67
N LEU A 25 12.57 20.51 1.87
CA LEU A 25 11.51 20.62 2.86
C LEU A 25 11.89 20.03 4.21
N THR A 26 12.60 18.90 4.19
CA THR A 26 12.92 18.17 5.42
C THR A 26 14.37 18.35 5.83
N GLY A 27 15.20 18.84 4.92
CA GLY A 27 16.64 18.89 5.17
C GLY A 27 17.47 17.62 4.98
N GLU A 28 16.82 16.50 4.68
CA GLU A 28 17.55 15.23 4.60
C GLU A 28 18.46 15.23 3.37
N VAL A 29 19.68 14.72 3.51
CA VAL A 29 20.58 14.49 2.38
C VAL A 29 20.41 13.09 1.84
N VAL A 30 20.12 12.98 0.53
CA VAL A 30 19.97 11.70 -0.13
C VAL A 30 20.95 11.50 -1.30
N ALA A 31 21.03 10.26 -1.76
CA ALA A 31 21.72 9.91 -2.99
C ALA A 31 20.63 9.64 -4.03
N LEU A 32 20.62 10.42 -5.10
CA LEU A 32 19.61 10.27 -6.17
C LEU A 32 20.22 9.61 -7.41
N LYS A 33 19.68 8.48 -7.80
CA LYS A 33 20.16 7.80 -8.98
C LYS A 33 19.22 8.07 -10.15
N LYS A 34 19.73 8.75 -11.15
CA LYS A 34 18.95 9.10 -12.31
C LYS A 34 19.20 8.05 -13.37
N ILE A 35 18.18 7.26 -13.64
CA ILE A 35 18.27 6.15 -14.59
C ILE A 35 18.39 6.67 -16.01
N ARG A 36 19.33 6.10 -16.75
CA ARG A 36 19.46 6.36 -18.17
C ARG A 36 18.25 5.77 -18.93
N LEU A 37 17.35 6.65 -19.36
CA LEU A 37 16.03 6.25 -19.80
C LEU A 37 15.78 6.71 -21.24
N ASP A 38 15.65 5.74 -22.15
CA ASP A 38 15.33 6.00 -23.55
C ASP A 38 13.84 5.71 -23.83
N THR A 39 13.05 6.77 -23.81
CA THR A 39 11.59 6.67 -23.84
C THR A 39 11.01 6.22 -25.18
N GLU A 40 11.70 6.45 -26.30
CA GLU A 40 11.15 6.02 -27.60
C GLU A 40 11.52 4.58 -27.95
N THR A 41 12.72 4.13 -27.60
CA THR A 41 13.22 2.87 -28.13
C THR A 41 13.23 1.65 -27.21
N GLU A 42 13.73 1.73 -25.99
CA GLU A 42 13.86 0.50 -25.20
C GLU A 42 13.10 0.45 -23.87
N GLY A 43 12.69 1.62 -23.38
CA GLY A 43 11.96 1.73 -22.12
C GLY A 43 12.81 1.65 -20.86
N VAL A 44 12.21 1.17 -19.77
CA VAL A 44 12.90 1.05 -18.47
C VAL A 44 13.92 -0.07 -18.50
N PRO A 45 15.21 0.24 -18.26
CA PRO A 45 16.19 -0.86 -18.39
C PRO A 45 16.01 -1.98 -17.38
N SER A 46 16.48 -3.16 -17.75
CA SER A 46 16.29 -4.35 -16.93
C SER A 46 17.07 -4.21 -15.60
N THR A 47 18.12 -3.41 -15.59
CA THR A 47 18.87 -3.16 -14.34
C THR A 47 18.04 -2.39 -13.34
N ALA A 48 17.31 -1.40 -13.81
CA ALA A 48 16.46 -0.60 -12.92
C ALA A 48 15.25 -1.45 -12.45
N ILE A 49 14.72 -2.27 -13.36
CA ILE A 49 13.59 -3.18 -13.03
C ILE A 49 14.01 -4.08 -11.86
N ARG A 50 15.17 -4.70 -11.99
CA ARG A 50 15.62 -5.64 -10.96
C ARG A 50 15.98 -4.93 -9.66
N GLU A 51 16.76 -3.84 -9.77
CA GLU A 51 17.19 -3.09 -8.58
C GLU A 51 16.03 -2.59 -7.79
N ILE A 52 15.02 -2.02 -8.44
CA ILE A 52 13.83 -1.55 -7.71
C ILE A 52 13.04 -2.69 -7.05
N SER A 53 12.68 -3.70 -7.84
CA SER A 53 11.81 -4.75 -7.30
C SER A 53 12.50 -5.47 -6.17
N LEU A 54 13.78 -5.78 -6.31
CA LEU A 54 14.49 -6.55 -5.28
C LEU A 54 14.80 -5.73 -4.04
N LEU A 55 15.19 -4.47 -4.22
CA LEU A 55 15.53 -3.60 -3.07
C LEU A 55 14.34 -3.15 -2.23
N LYS A 56 13.17 -3.05 -2.86
CA LYS A 56 11.90 -2.87 -2.14
C LYS A 56 11.59 -4.02 -1.19
N GLU A 57 12.05 -5.22 -1.53
CA GLU A 57 11.85 -6.38 -0.66
C GLU A 57 12.88 -6.47 0.45
N LEU A 58 14.01 -5.74 0.35
CA LEU A 58 15.16 -6.03 1.20
C LEU A 58 15.42 -4.94 2.26
N ASN A 59 14.90 -5.12 3.47
CA ASN A 59 15.11 -4.10 4.53
C ASN A 59 16.08 -4.63 5.57
N HIS A 60 17.30 -4.14 5.53
CA HIS A 60 18.36 -4.62 6.41
C HIS A 60 19.40 -3.52 6.62
N PRO A 61 19.95 -3.40 7.84
CA PRO A 61 21.01 -2.42 8.14
C PRO A 61 22.22 -2.44 7.21
N ASN A 62 22.56 -3.57 6.59
CA ASN A 62 23.72 -3.66 5.70
C ASN A 62 23.41 -3.83 4.21
N ILE A 63 22.23 -3.34 3.86
CA ILE A 63 21.80 -3.19 2.46
C ILE A 63 21.26 -1.77 2.29
N VAL A 64 21.75 -1.07 1.29
CA VAL A 64 21.35 0.31 1.01
C VAL A 64 19.84 0.45 0.87
N LYS A 65 19.29 1.45 1.54
CA LYS A 65 17.83 1.65 1.59
C LYS A 65 17.33 2.47 0.45
N LEU A 66 16.35 1.93 -0.25
CA LEU A 66 15.64 2.66 -1.27
C LEU A 66 14.55 3.40 -0.57
N LEU A 67 14.59 4.73 -0.57
CA LEU A 67 13.58 5.54 0.13
C LEU A 67 12.33 5.82 -0.71
N ASP A 68 12.50 5.93 -2.03
CA ASP A 68 11.42 6.37 -2.89
C ASP A 68 11.76 6.23 -4.36
N VAL A 69 10.74 6.07 -5.17
CA VAL A 69 10.89 5.96 -6.64
C VAL A 69 10.04 7.02 -7.29
N ILE A 70 10.68 7.85 -8.11
CA ILE A 70 10.01 8.95 -8.74
C ILE A 70 9.98 8.72 -10.25
N HIS A 71 8.79 8.37 -10.73
CA HIS A 71 8.64 7.78 -12.05
C HIS A 71 7.73 8.69 -12.84
N THR A 72 8.30 9.52 -13.69
CA THR A 72 7.53 10.41 -14.55
C THR A 72 7.61 9.97 -16.01
N GLU A 73 6.98 10.75 -16.89
CA GLU A 73 6.89 10.40 -18.30
C GLU A 73 8.27 10.14 -18.92
N ASN A 74 9.22 11.06 -18.72
CA ASN A 74 10.52 10.90 -19.36
C ASN A 74 11.70 10.70 -18.41
N LYS A 75 11.43 10.57 -17.11
CA LYS A 75 12.51 10.41 -16.16
C LYS A 75 12.19 9.38 -15.08
N LEU A 76 13.22 8.65 -14.63
CA LEU A 76 13.11 7.73 -13.50
C LEU A 76 14.20 8.05 -12.49
N TYR A 77 13.80 8.39 -11.27
CA TYR A 77 14.75 8.63 -10.19
C TYR A 77 14.54 7.65 -9.05
N LEU A 78 15.64 7.09 -8.55
CA LEU A 78 15.65 6.31 -7.31
C LEU A 78 16.30 7.14 -6.18
N VAL A 79 15.60 7.22 -5.05
CA VAL A 79 16.06 7.94 -3.88
C VAL A 79 16.56 6.94 -2.84
N PHE A 80 17.84 7.07 -2.49
CA PHE A 80 18.48 6.21 -1.53
C PHE A 80 18.93 7.02 -0.34
N GLU A 81 19.04 6.36 0.81
CA GLU A 81 19.84 6.89 1.90
C GLU A 81 21.25 7.25 1.36
N PHE A 82 21.81 8.34 1.85
CA PHE A 82 23.15 8.76 1.45
C PHE A 82 24.22 8.08 2.25
N LEU A 83 25.26 7.61 1.57
CA LEU A 83 26.43 7.06 2.20
C LEU A 83 27.64 7.76 1.64
N HIS A 84 28.66 7.94 2.48
CA HIS A 84 29.76 8.90 2.21
C HIS A 84 30.80 8.45 1.21
N GLN A 85 31.11 7.17 1.19
CA GLN A 85 32.20 6.69 0.34
C GLN A 85 32.03 5.23 -0.06
N ASP A 86 32.69 4.82 -1.14
CA ASP A 86 32.77 3.42 -1.50
C ASP A 86 34.07 2.80 -1.03
N LEU A 87 34.07 1.48 -0.92
CA LEU A 87 35.16 0.73 -0.31
C LEU A 87 36.43 0.80 -1.16
N LYS A 88 36.25 0.78 -2.50
CA LYS A 88 37.39 0.90 -3.41
C LYS A 88 38.18 2.19 -3.12
N LYS A 89 37.45 3.29 -3.07
CA LYS A 89 38.07 4.56 -2.86
C LYS A 89 38.64 4.68 -1.44
N PHE A 90 37.98 4.08 -0.45
CA PHE A 90 38.52 4.06 0.91
C PHE A 90 39.84 3.30 0.99
N MET A 91 39.94 2.15 0.35
CA MET A 91 41.18 1.41 0.39
C MET A 91 42.30 2.01 -0.47
N ASP A 92 41.95 2.69 -1.56
CA ASP A 92 42.93 3.53 -2.26
C ASP A 92 43.52 4.57 -1.30
N ALA A 93 42.70 5.21 -0.48
CA ALA A 93 43.16 6.21 0.46
C ALA A 93 43.85 5.62 1.70
N SER A 94 43.60 4.34 1.97
CA SER A 94 44.20 3.66 3.11
C SER A 94 45.38 2.82 2.66
N ALA A 95 45.80 2.97 1.40
CA ALA A 95 46.96 2.24 0.88
C ALA A 95 48.19 2.75 1.64
N LEU A 96 49.19 1.91 1.82
CA LEU A 96 50.38 2.34 2.57
C LEU A 96 50.27 1.99 4.05
N THR A 97 49.29 2.56 4.74
CA THR A 97 49.02 2.22 6.14
C THR A 97 48.19 0.93 6.25
N GLY A 98 47.27 0.74 5.31
CA GLY A 98 46.31 -0.37 5.33
C GLY A 98 45.08 -0.09 6.18
N ILE A 99 43.94 -0.69 5.82
CA ILE A 99 42.75 -0.64 6.67
C ILE A 99 43.06 -1.47 7.90
N PRO A 100 42.85 -0.90 9.10
CA PRO A 100 43.14 -1.63 10.34
C PRO A 100 42.39 -2.95 10.44
N LEU A 101 43.07 -3.97 10.94
CA LEU A 101 42.49 -5.31 11.02
C LEU A 101 41.10 -5.34 11.70
N PRO A 102 40.95 -4.65 12.83
CA PRO A 102 39.63 -4.63 13.47
C PRO A 102 38.48 -4.12 12.59
N LEU A 103 38.80 -3.17 11.72
CA LEU A 103 37.80 -2.55 10.83
C LEU A 103 37.49 -3.50 9.65
N ILE A 104 38.52 -4.23 9.22
CA ILE A 104 38.36 -5.27 8.23
C ILE A 104 37.41 -6.33 8.75
N LYS A 105 37.64 -6.72 10.00
CA LYS A 105 36.79 -7.74 10.61
C LYS A 105 35.35 -7.26 10.70
N SER A 106 35.15 -6.03 11.15
CA SER A 106 33.79 -5.45 11.26
C SER A 106 33.05 -5.40 9.93
N TYR A 107 33.74 -4.96 8.88
CA TYR A 107 33.17 -4.81 7.58
C TYR A 107 32.75 -6.18 7.03
N LEU A 108 33.65 -7.17 7.17
CA LEU A 108 33.37 -8.52 6.69
C LEU A 108 32.15 -9.07 7.39
N PHE A 109 32.10 -8.86 8.71
CA PHE A 109 30.99 -9.32 9.52
C PHE A 109 29.70 -8.74 9.01
N GLN A 110 29.69 -7.44 8.77
CA GLN A 110 28.50 -6.73 8.30
C GLN A 110 28.10 -7.11 6.88
N LEU A 111 29.07 -7.22 5.99
CA LEU A 111 28.79 -7.69 4.65
C LEU A 111 28.19 -9.07 4.66
N LEU A 112 28.66 -9.95 5.55
CA LEU A 112 28.08 -11.30 5.65
C LEU A 112 26.63 -11.26 6.13
N GLN A 113 26.34 -10.38 7.07
CA GLN A 113 24.96 -10.17 7.49
C GLN A 113 24.02 -9.73 6.36
N GLY A 114 24.44 -8.74 5.57
CA GLY A 114 23.63 -8.27 4.43
C GLY A 114 23.48 -9.35 3.39
N LEU A 115 24.56 -10.07 3.09
CA LEU A 115 24.55 -11.13 2.12
C LEU A 115 23.63 -12.25 2.56
N ALA A 116 23.76 -12.66 3.84
CA ALA A 116 22.89 -13.72 4.40
C ALA A 116 21.41 -13.34 4.26
N PHE A 117 21.11 -12.07 4.48
CA PHE A 117 19.74 -11.58 4.35
C PHE A 117 19.27 -11.66 2.89
N CYS A 118 20.13 -11.26 1.94
CA CYS A 118 19.80 -11.42 0.52
C CYS A 118 19.48 -12.89 0.17
N HIS A 119 20.34 -13.78 0.61
CA HIS A 119 20.25 -15.16 0.21
C HIS A 119 19.01 -15.84 0.79
N SER A 120 18.71 -15.52 2.04
CA SER A 120 17.54 -16.07 2.68
C SER A 120 16.24 -15.51 2.06
N HIS A 121 16.35 -14.44 1.27
CA HIS A 121 15.23 -13.85 0.55
C HIS A 121 15.33 -14.09 -0.96
N ARG A 122 16.00 -15.19 -1.32
CA ARG A 122 16.24 -15.61 -2.71
C ARG A 122 16.78 -14.52 -3.68
N VAL A 123 17.65 -13.65 -3.19
CA VAL A 123 18.33 -12.69 -4.04
C VAL A 123 19.84 -13.00 -4.12
N LEU A 124 20.34 -13.19 -5.36
CA LEU A 124 21.78 -13.19 -5.66
C LEU A 124 22.25 -11.82 -6.10
N HIS A 125 23.26 -11.25 -5.44
CA HIS A 125 23.75 -9.94 -5.86
C HIS A 125 24.47 -10.04 -7.21
N ARG A 126 25.38 -11.01 -7.29
CA ARG A 126 26.11 -11.39 -8.54
C ARG A 126 27.28 -10.51 -8.94
N ASP A 127 27.39 -9.32 -8.36
CA ASP A 127 28.47 -8.44 -8.75
C ASP A 127 29.08 -7.73 -7.54
N LEU A 128 29.44 -8.49 -6.52
CA LEU A 128 30.11 -7.91 -5.36
C LEU A 128 31.53 -7.47 -5.72
N LYS A 129 31.81 -6.20 -5.49
CA LYS A 129 33.12 -5.61 -5.73
C LYS A 129 33.22 -4.40 -4.82
N PRO A 130 34.44 -3.98 -4.50
CA PRO A 130 34.56 -2.90 -3.54
C PRO A 130 33.83 -1.61 -3.99
N GLN A 131 33.74 -1.37 -5.29
CA GLN A 131 33.10 -0.16 -5.81
C GLN A 131 31.60 -0.16 -5.49
N ASN A 132 31.05 -1.34 -5.20
CA ASN A 132 29.64 -1.48 -4.87
C ASN A 132 29.34 -1.61 -3.39
N LEU A 133 30.37 -1.42 -2.57
CA LEU A 133 30.24 -1.56 -1.14
C LEU A 133 30.46 -0.17 -0.55
N LEU A 134 29.44 0.32 0.20
CA LEU A 134 29.37 1.71 0.64
C LEU A 134 29.52 1.87 2.14
N ILE A 135 30.29 2.89 2.52
CA ILE A 135 30.57 3.14 3.91
C ILE A 135 30.09 4.50 4.38
N ASN A 136 29.68 4.53 5.64
CA ASN A 136 29.38 5.78 6.31
C ASN A 136 30.42 6.16 7.38
N THR A 137 30.26 7.34 8.00
CA THR A 137 31.24 7.85 8.97
C THR A 137 31.15 7.14 10.31
N GLU A 138 30.03 6.47 10.56
CA GLU A 138 29.75 5.74 11.80
C GLU A 138 30.20 4.28 11.83
N GLY A 139 30.86 3.80 10.77
CA GLY A 139 31.45 2.46 10.76
C GLY A 139 30.61 1.35 10.11
N ALA A 140 29.48 1.70 9.52
CA ALA A 140 28.62 0.75 8.83
C ALA A 140 29.14 0.55 7.39
N ILE A 141 28.89 -0.63 6.86
CA ILE A 141 29.13 -0.93 5.46
C ILE A 141 27.89 -1.58 4.88
N LYS A 142 27.54 -1.21 3.67
CA LYS A 142 26.31 -1.71 3.04
C LYS A 142 26.49 -2.16 1.58
N LEU A 143 25.75 -3.20 1.20
CA LEU A 143 25.72 -3.70 -0.15
C LEU A 143 24.94 -2.72 -0.99
N ALA A 144 25.45 -2.41 -2.17
CA ALA A 144 24.77 -1.49 -3.10
C ALA A 144 24.83 -2.01 -4.53
N ASP A 145 24.04 -1.39 -5.38
CA ASP A 145 23.90 -1.69 -6.78
C ASP A 145 23.41 -3.12 -7.06
N PHE A 146 22.09 -3.22 -7.12
CA PHE A 146 21.38 -4.43 -7.33
C PHE A 146 20.89 -4.53 -8.78
N GLY A 147 21.48 -3.72 -9.64
CA GLY A 147 21.19 -3.77 -11.06
C GLY A 147 21.41 -5.14 -11.73
N LEU A 148 22.43 -5.88 -11.31
CA LEU A 148 22.73 -7.19 -11.90
C LEU A 148 22.20 -8.33 -10.99
N ALA A 149 21.55 -7.96 -9.89
CA ALA A 149 20.98 -8.93 -8.95
C ALA A 149 19.90 -9.74 -9.62
N ARG A 150 19.70 -10.99 -9.16
CA ARG A 150 18.65 -11.86 -9.70
C ARG A 150 17.91 -12.61 -8.57
N ALA A 151 16.59 -12.74 -8.72
CA ALA A 151 15.79 -13.66 -7.87
C ALA A 151 16.01 -15.10 -8.29
N PHE A 152 16.33 -15.96 -7.32
CA PHE A 152 16.60 -17.36 -7.63
C PHE A 152 15.55 -18.31 -7.07
N GLY A 153 14.29 -17.91 -7.13
CA GLY A 153 13.19 -18.84 -6.89
C GLY A 153 13.21 -20.03 -7.84
N VAL A 154 13.73 -19.79 -9.04
CA VAL A 154 14.17 -20.85 -9.95
C VAL A 154 15.64 -20.55 -10.18
N PRO A 155 16.47 -21.58 -10.37
CA PRO A 155 17.89 -21.36 -10.57
C PRO A 155 18.23 -20.43 -11.73
N VAL A 156 19.20 -19.56 -11.51
CA VAL A 156 19.61 -18.56 -12.49
C VAL A 156 20.64 -19.13 -13.47
N ARG A 157 20.30 -19.07 -14.74
CA ARG A 157 21.15 -19.56 -15.81
C ARG A 157 22.33 -18.60 -16.06
N THR A 158 23.53 -19.15 -16.17
CA THR A 158 24.70 -18.29 -16.36
C THR A 158 24.64 -17.60 -17.72
N TYR A 159 25.29 -16.46 -17.80
CA TYR A 159 25.35 -15.65 -19.01
C TYR A 159 26.44 -16.20 -19.94
N THR A 160 26.10 -16.45 -21.20
CA THR A 160 27.11 -16.89 -22.20
C THR A 160 28.29 -15.92 -22.17
N HIS A 161 27.96 -14.62 -22.15
CA HIS A 161 28.95 -13.56 -22.13
C HIS A 161 28.82 -12.74 -20.87
N GLU A 162 29.69 -13.03 -19.91
CA GLU A 162 29.57 -12.52 -18.56
C GLU A 162 29.92 -11.02 -18.48
N VAL A 163 29.03 -10.24 -17.89
CA VAL A 163 29.16 -8.78 -17.83
C VAL A 163 29.59 -8.30 -16.43
N VAL A 164 29.98 -9.27 -15.61
CA VAL A 164 29.90 -9.15 -14.18
C VAL A 164 31.16 -8.55 -13.60
N THR A 165 32.33 -8.99 -14.05
CA THR A 165 33.62 -8.54 -13.48
C THR A 165 34.50 -9.73 -13.50
N LEU A 166 35.75 -9.55 -13.88
CA LEU A 166 36.70 -10.67 -13.98
C LEU A 166 37.28 -11.05 -12.59
N TRP A 167 37.79 -10.05 -11.90
CA TRP A 167 38.60 -10.23 -10.71
C TRP A 167 37.89 -10.95 -9.53
N TYR A 168 36.58 -10.78 -9.43
CA TYR A 168 35.82 -11.31 -8.31
C TYR A 168 34.89 -12.45 -8.76
N ARG A 169 35.16 -13.01 -9.93
CA ARG A 169 34.38 -14.10 -10.52
C ARG A 169 34.85 -15.46 -10.01
N ALA A 170 33.85 -16.27 -9.59
CA ALA A 170 34.05 -17.63 -9.10
C ALA A 170 34.52 -18.61 -10.19
N PRO A 171 35.34 -19.58 -9.79
CA PRO A 171 35.97 -20.50 -10.73
C PRO A 171 34.97 -21.42 -11.42
N GLU A 172 33.88 -21.75 -10.75
CA GLU A 172 32.79 -22.50 -11.41
C GLU A 172 32.14 -21.74 -12.58
N ILE A 173 32.04 -20.43 -12.50
CA ILE A 173 31.51 -19.64 -13.65
C ILE A 173 32.51 -19.70 -14.80
N LEU A 174 33.78 -19.45 -14.47
CA LEU A 174 34.83 -19.48 -15.49
C LEU A 174 34.98 -20.87 -16.16
N LEU A 175 34.67 -21.93 -15.45
CA LEU A 175 34.81 -23.25 -16.03
C LEU A 175 33.52 -23.67 -16.74
N GLY A 176 32.50 -22.82 -16.68
CA GLY A 176 31.31 -22.98 -17.50
C GLY A 176 30.14 -23.70 -16.83
N CYS A 177 29.95 -23.54 -15.52
CA CYS A 177 28.74 -24.07 -14.91
C CYS A 177 27.50 -23.47 -15.58
N LYS A 178 26.41 -24.21 -15.51
CA LYS A 178 25.18 -23.87 -16.18
C LYS A 178 24.33 -22.88 -15.32
N TYR A 179 24.42 -23.00 -13.99
CA TYR A 179 23.69 -22.12 -13.08
C TYR A 179 24.64 -21.42 -12.09
N TYR A 180 24.24 -20.23 -11.65
CA TYR A 180 24.82 -19.61 -10.46
C TYR A 180 24.23 -20.26 -9.21
N SER A 181 24.95 -20.12 -8.11
CA SER A 181 24.42 -20.40 -6.78
C SER A 181 24.88 -19.28 -5.85
N THR A 182 24.31 -19.23 -4.65
CA THR A 182 24.75 -18.27 -3.62
C THR A 182 26.27 -18.27 -3.39
N ALA A 183 26.93 -19.39 -3.69
CA ALA A 183 28.39 -19.55 -3.53
C ALA A 183 29.21 -18.54 -4.35
N VAL A 184 28.65 -18.01 -5.44
CA VAL A 184 29.40 -17.03 -6.25
C VAL A 184 29.60 -15.72 -5.51
N ASP A 185 28.64 -15.40 -4.65
CA ASP A 185 28.71 -14.20 -3.85
C ASP A 185 29.70 -14.38 -2.72
N ILE A 186 29.71 -15.57 -2.10
CA ILE A 186 30.71 -15.86 -1.06
C ILE A 186 32.12 -15.75 -1.64
N TRP A 187 32.31 -16.25 -2.88
CA TRP A 187 33.63 -16.24 -3.50
C TRP A 187 34.15 -14.80 -3.67
N SER A 188 33.29 -13.93 -4.22
CA SER A 188 33.61 -12.51 -4.37
C SER A 188 33.97 -11.84 -3.05
N LEU A 189 33.25 -12.18 -2.00
CA LEU A 189 33.44 -11.54 -0.73
C LEU A 189 34.76 -12.02 -0.13
N GLY A 190 35.09 -13.28 -0.36
CA GLY A 190 36.41 -13.81 0.02
C GLY A 190 37.54 -13.05 -0.64
N CYS A 191 37.37 -12.73 -1.93
CA CYS A 191 38.36 -11.92 -2.66
C CYS A 191 38.50 -10.51 -2.08
N ILE A 192 37.38 -9.93 -1.68
CA ILE A 192 37.37 -8.60 -1.10
C ILE A 192 38.03 -8.62 0.30
N PHE A 193 37.76 -9.67 1.06
CA PHE A 193 38.41 -9.91 2.35
C PHE A 193 39.93 -9.92 2.20
N ALA A 194 40.44 -10.74 1.28
CA ALA A 194 41.88 -10.80 1.05
C ALA A 194 42.44 -9.44 0.59
N GLU A 195 41.69 -8.75 -0.26
CA GLU A 195 42.11 -7.47 -0.80
C GLU A 195 42.26 -6.36 0.28
N MET A 196 41.32 -6.28 1.21
CA MET A 196 41.45 -5.40 2.35
C MET A 196 42.72 -5.70 3.18
N VAL A 197 43.01 -7.00 3.38
CA VAL A 197 44.13 -7.40 4.17
C VAL A 197 45.48 -7.07 3.54
N THR A 198 45.64 -7.36 2.24
CA THR A 198 46.96 -7.33 1.57
C THR A 198 47.15 -6.03 0.81
N ARG A 199 46.08 -5.21 0.74
CA ARG A 199 46.08 -3.94 0.00
C ARG A 199 46.11 -4.07 -1.53
N ARG A 200 45.83 -5.26 -2.07
CA ARG A 200 45.71 -5.44 -3.52
C ARG A 200 44.79 -6.61 -3.93
N ALA A 201 44.32 -6.58 -5.17
CA ALA A 201 43.39 -7.56 -5.65
C ALA A 201 44.05 -8.94 -5.59
N LEU A 202 43.28 -9.94 -5.14
CA LEU A 202 43.82 -11.28 -4.92
C LEU A 202 44.13 -11.90 -6.29
N PHE A 203 43.16 -11.80 -7.21
CA PHE A 203 43.27 -12.41 -8.50
C PHE A 203 42.96 -11.38 -9.62
N PRO A 204 43.96 -10.54 -9.99
CA PRO A 204 43.80 -9.55 -11.03
C PRO A 204 44.03 -10.08 -12.44
N GLY A 205 43.13 -10.93 -12.93
CA GLY A 205 43.26 -11.46 -14.29
C GLY A 205 43.04 -10.46 -15.42
N ASP A 206 43.69 -10.71 -16.56
CA ASP A 206 43.52 -9.85 -17.73
C ASP A 206 42.61 -10.48 -18.77
N SER A 207 42.16 -11.70 -18.52
CA SER A 207 41.24 -12.37 -19.42
C SER A 207 40.67 -13.53 -18.64
N GLU A 208 39.80 -14.32 -19.28
CA GLU A 208 39.19 -15.41 -18.59
C GLU A 208 40.15 -16.53 -18.26
N ILE A 209 41.02 -16.87 -19.20
CA ILE A 209 41.95 -17.96 -18.97
C ILE A 209 43.00 -17.51 -17.96
N ASP A 210 43.47 -16.28 -18.09
CA ASP A 210 44.42 -15.75 -17.13
C ASP A 210 43.82 -15.62 -15.72
N GLN A 211 42.52 -15.36 -15.66
CA GLN A 211 41.83 -15.26 -14.41
C GLN A 211 41.80 -16.61 -13.73
N LEU A 212 41.39 -17.66 -14.45
CA LEU A 212 41.45 -19.04 -13.94
C LEU A 212 42.84 -19.38 -13.44
N PHE A 213 43.84 -19.03 -14.24
CA PHE A 213 45.18 -19.47 -13.98
C PHE A 213 45.78 -18.75 -12.80
N ARG A 214 45.41 -17.51 -12.57
CA ARG A 214 45.81 -16.80 -11.36
C ARG A 214 45.17 -17.43 -10.12
N ILE A 215 43.94 -17.93 -10.27
CA ILE A 215 43.31 -18.67 -9.17
C ILE A 215 44.09 -20.00 -8.90
N PHE A 216 44.41 -20.72 -9.97
CA PHE A 216 45.12 -21.98 -9.88
C PHE A 216 46.51 -21.85 -9.23
N ARG A 217 47.24 -20.78 -9.54
CA ARG A 217 48.57 -20.56 -8.96
C ARG A 217 48.58 -20.33 -7.44
N THR A 218 47.46 -19.86 -6.89
CA THR A 218 47.39 -19.54 -5.45
C THR A 218 46.74 -20.69 -4.73
N LEU A 219 45.69 -21.24 -5.32
CA LEU A 219 44.86 -22.22 -4.63
C LEU A 219 45.20 -23.65 -5.05
N GLY A 220 46.01 -23.79 -6.07
CA GLY A 220 46.31 -25.09 -6.65
C GLY A 220 45.34 -25.49 -7.73
N THR A 221 45.85 -26.12 -8.76
CA THR A 221 45.03 -26.57 -9.85
C THR A 221 44.09 -27.64 -9.33
N PRO A 222 42.77 -27.46 -9.50
CA PRO A 222 41.79 -28.40 -8.95
C PRO A 222 41.75 -29.76 -9.67
N ASP A 223 41.30 -30.80 -8.97
CA ASP A 223 41.14 -32.13 -9.56
C ASP A 223 39.95 -32.76 -8.93
N GLU A 224 39.60 -33.98 -9.37
CA GLU A 224 38.43 -34.65 -8.85
C GLU A 224 38.44 -34.83 -7.34
N VAL A 225 39.63 -34.98 -6.73
CA VAL A 225 39.71 -35.15 -5.27
C VAL A 225 39.23 -33.90 -4.57
N VAL A 226 39.76 -32.78 -4.97
CA VAL A 226 39.37 -31.51 -4.35
C VAL A 226 37.98 -31.01 -4.82
N TRP A 227 37.60 -31.32 -6.07
CA TRP A 227 36.40 -30.75 -6.67
C TRP A 227 35.79 -31.80 -7.57
N PRO A 228 35.00 -32.70 -7.00
CA PRO A 228 34.38 -33.75 -7.78
C PRO A 228 33.58 -33.13 -8.91
N GLY A 229 33.77 -33.61 -10.12
CA GLY A 229 33.07 -33.12 -11.29
C GLY A 229 33.88 -32.15 -12.13
N VAL A 230 34.96 -31.60 -11.58
CA VAL A 230 35.64 -30.48 -12.23
C VAL A 230 36.17 -30.85 -13.62
N THR A 231 36.63 -32.08 -13.78
CA THR A 231 37.29 -32.47 -15.04
C THR A 231 36.30 -32.72 -16.19
N SER A 232 35.01 -32.79 -15.90
CA SER A 232 34.03 -32.88 -16.97
C SER A 232 33.16 -31.61 -17.12
N MET A 233 33.64 -30.50 -16.56
CA MET A 233 32.99 -29.20 -16.75
C MET A 233 33.33 -28.61 -18.12
N PRO A 234 32.37 -27.89 -18.73
CA PRO A 234 32.41 -27.48 -20.12
C PRO A 234 33.73 -26.87 -20.56
N ASP A 235 34.34 -26.00 -19.74
CA ASP A 235 35.55 -25.30 -20.18
C ASP A 235 36.83 -25.80 -19.52
N TYR A 236 36.77 -26.94 -18.84
CA TYR A 236 37.96 -27.57 -18.26
C TYR A 236 38.82 -28.20 -19.34
N LYS A 237 40.13 -28.05 -19.25
CA LYS A 237 41.07 -28.66 -20.20
C LYS A 237 42.15 -29.47 -19.48
N PRO A 238 42.41 -30.69 -19.97
CA PRO A 238 43.46 -31.51 -19.37
C PRO A 238 44.86 -30.88 -19.47
N SER A 239 45.03 -29.92 -20.37
CA SER A 239 46.30 -29.24 -20.55
C SER A 239 46.54 -28.10 -19.56
N PHE A 240 45.58 -27.85 -18.67
CA PHE A 240 45.82 -26.90 -17.60
C PHE A 240 47.12 -27.26 -16.89
N PRO A 241 48.02 -26.28 -16.71
CA PRO A 241 49.17 -26.54 -15.85
C PRO A 241 48.79 -26.97 -14.42
N LYS A 242 49.72 -27.61 -13.74
CA LYS A 242 49.53 -28.05 -12.37
C LYS A 242 50.39 -27.23 -11.43
N TRP A 243 49.72 -26.37 -10.66
CA TRP A 243 50.38 -25.58 -9.66
C TRP A 243 50.03 -26.14 -8.28
N ALA A 244 50.94 -25.98 -7.34
CA ALA A 244 50.75 -26.36 -5.95
C ALA A 244 49.91 -25.32 -5.18
N ARG A 245 49.07 -25.79 -4.27
CA ARG A 245 48.42 -24.89 -3.35
C ARG A 245 49.43 -24.13 -2.48
N GLN A 246 49.24 -22.81 -2.38
CA GLN A 246 50.09 -21.98 -1.53
C GLN A 246 49.62 -22.02 -0.11
N ASP A 247 50.57 -21.91 0.81
CA ASP A 247 50.25 -21.76 2.23
C ASP A 247 49.61 -20.38 2.42
N PHE A 248 48.47 -20.36 3.10
CA PHE A 248 47.73 -19.11 3.31
C PHE A 248 48.50 -18.15 4.20
N SER A 249 49.52 -18.64 4.90
CA SER A 249 50.40 -17.74 5.66
C SER A 249 51.24 -16.89 4.70
N LYS A 250 51.37 -17.35 3.46
CA LYS A 250 52.02 -16.56 2.43
C LYS A 250 51.06 -15.67 1.64
N VAL A 251 49.83 -16.14 1.47
CA VAL A 251 48.82 -15.42 0.70
C VAL A 251 48.35 -14.21 1.49
N VAL A 252 48.00 -14.41 2.76
CA VAL A 252 47.53 -13.33 3.61
C VAL A 252 48.28 -13.24 4.96
N PRO A 253 49.55 -12.82 4.93
CA PRO A 253 50.42 -12.81 6.11
C PRO A 253 49.86 -12.19 7.40
N PRO A 254 49.22 -11.01 7.33
CA PRO A 254 48.73 -10.34 8.54
C PRO A 254 47.64 -11.09 9.29
N LEU A 255 47.00 -12.02 8.61
CA LEU A 255 45.76 -12.55 9.12
C LEU A 255 46.10 -13.74 10.01
N ASP A 256 45.41 -13.88 11.12
CA ASP A 256 45.65 -14.96 12.09
C ASP A 256 44.99 -16.27 11.66
N GLU A 257 45.13 -17.29 12.49
CA GLU A 257 44.73 -18.64 12.14
C GLU A 257 43.24 -18.73 11.80
N ASP A 258 42.40 -18.06 12.58
CA ASP A 258 40.97 -18.00 12.33
C ASP A 258 40.63 -17.30 11.02
N GLY A 259 41.31 -16.20 10.71
CA GLY A 259 41.11 -15.49 9.47
C GLY A 259 41.51 -16.32 8.27
N ARG A 260 42.65 -17.01 8.38
CA ARG A 260 43.09 -17.86 7.29
C ARG A 260 42.08 -18.97 7.08
N SER A 261 41.54 -19.50 8.18
CA SER A 261 40.58 -20.61 8.11
C SER A 261 39.25 -20.23 7.41
N LEU A 262 38.73 -19.07 7.74
CA LEU A 262 37.52 -18.57 7.13
C LEU A 262 37.76 -18.29 5.66
N LEU A 263 38.82 -17.55 5.37
CA LEU A 263 39.16 -17.27 3.99
C LEU A 263 39.17 -18.55 3.13
N SER A 264 39.89 -19.56 3.58
CA SER A 264 40.03 -20.77 2.77
C SER A 264 38.68 -21.42 2.59
N GLN A 265 37.80 -21.24 3.55
CA GLN A 265 36.47 -21.79 3.42
C GLN A 265 35.57 -20.94 2.49
N MET A 266 35.82 -19.65 2.42
CA MET A 266 35.14 -18.79 1.46
C MET A 266 35.66 -18.97 0.02
N LEU A 267 36.92 -19.42 -0.12
CA LEU A 267 37.56 -19.70 -1.42
C LEU A 267 37.66 -21.20 -1.75
N HIS A 268 36.84 -22.01 -1.13
CA HIS A 268 36.75 -23.42 -1.49
C HIS A 268 36.32 -23.58 -2.94
N TYR A 269 36.94 -24.48 -3.69
CA TYR A 269 36.67 -24.63 -5.12
C TYR A 269 35.27 -25.11 -5.44
N ASP A 270 34.81 -26.08 -4.66
CA ASP A 270 33.54 -26.72 -4.92
C ASP A 270 32.41 -25.89 -4.33
N PRO A 271 31.51 -25.38 -5.18
CA PRO A 271 30.46 -24.49 -4.71
C PRO A 271 29.59 -25.12 -3.64
N ASN A 272 29.45 -26.45 -3.67
CA ASN A 272 28.64 -27.18 -2.70
C ASN A 272 29.25 -27.21 -1.30
N LYS A 273 30.58 -27.07 -1.20
CA LYS A 273 31.30 -27.09 0.10
C LYS A 273 31.78 -25.69 0.54
N ARG A 274 31.73 -24.72 -0.35
CA ARG A 274 32.05 -23.36 0.03
C ARG A 274 31.10 -22.91 1.16
N ILE A 275 31.64 -22.21 2.15
CA ILE A 275 30.86 -21.88 3.34
C ILE A 275 29.80 -20.87 2.97
N SER A 276 28.64 -20.95 3.61
CA SER A 276 27.55 -20.05 3.36
C SER A 276 27.72 -18.80 4.17
N ALA A 277 26.99 -17.77 3.83
CA ALA A 277 27.09 -16.54 4.58
C ALA A 277 26.67 -16.72 6.07
N LYS A 278 25.59 -17.44 6.27
CA LYS A 278 25.04 -17.72 7.60
C LYS A 278 26.05 -18.49 8.44
N ALA A 279 26.66 -19.51 7.87
CA ALA A 279 27.63 -20.30 8.55
C ALA A 279 28.88 -19.48 8.87
N ALA A 280 29.34 -18.67 7.91
CA ALA A 280 30.49 -17.80 8.12
C ALA A 280 30.30 -16.86 9.31
N LEU A 281 29.07 -16.45 9.55
CA LEU A 281 28.79 -15.60 10.71
C LEU A 281 29.05 -16.31 12.06
N ALA A 282 28.98 -17.64 12.08
CA ALA A 282 29.30 -18.42 13.26
C ALA A 282 30.81 -18.69 13.45
N HIS A 283 31.63 -18.32 12.48
CA HIS A 283 33.05 -18.58 12.58
C HIS A 283 33.73 -17.86 13.78
N PRO A 284 34.62 -18.57 14.52
CA PRO A 284 35.37 -17.96 15.63
C PRO A 284 36.18 -16.69 15.31
N PHE A 285 36.47 -16.40 14.05
CA PHE A 285 37.11 -15.12 13.69
C PHE A 285 36.30 -13.89 14.14
N PHE A 286 34.98 -14.04 14.27
CA PHE A 286 34.14 -12.91 14.68
C PHE A 286 33.83 -12.90 16.20
N GLN A 287 34.55 -13.72 16.97
CA GLN A 287 34.40 -13.70 18.43
C GLN A 287 34.65 -12.32 19.02
N ASP A 288 35.71 -11.65 18.57
CA ASP A 288 36.09 -10.41 19.18
C ASP A 288 35.76 -9.21 18.29
N VAL A 289 34.74 -9.36 17.44
CA VAL A 289 34.36 -8.27 16.53
C VAL A 289 33.90 -7.02 17.30
N THR A 290 34.33 -5.86 16.80
CA THR A 290 33.92 -4.56 17.35
C THR A 290 33.40 -3.68 16.21
N LYS A 291 33.04 -2.44 16.48
CA LYS A 291 32.57 -1.53 15.43
C LYS A 291 33.35 -0.23 15.43
N PRO A 292 34.58 -0.26 14.94
CA PRO A 292 35.35 0.96 14.85
C PRO A 292 34.90 1.87 13.69
N VAL A 293 35.31 3.13 13.74
CA VAL A 293 34.99 4.07 12.68
C VAL A 293 36.23 4.32 11.83
N PRO A 294 36.03 4.38 10.52
CA PRO A 294 37.12 4.69 9.61
C PRO A 294 37.53 6.17 9.67
N HIS A 295 38.78 6.46 9.27
CA HIS A 295 39.20 7.82 9.00
C HIS A 295 38.95 8.14 7.54
N LEU A 296 37.90 8.90 7.28
CA LEU A 296 37.62 9.37 5.93
C LEU A 296 38.17 10.80 5.69
N VAL B 3 22.82 -22.33 -1.72
CA VAL B 3 23.17 -23.55 -0.90
C VAL B 3 21.98 -23.94 0.02
N PRO B 4 21.62 -25.24 0.06
CA PRO B 4 20.53 -25.78 0.90
C PRO B 4 20.42 -25.24 2.34
N ASP B 5 21.37 -24.41 2.78
CA ASP B 5 21.21 -23.61 4.01
C ASP B 5 19.99 -22.67 3.98
N TYR B 6 19.50 -22.32 2.78
CA TYR B 6 18.38 -21.36 2.63
C TYR B 6 17.10 -21.96 2.04
N HIS B 7 17.15 -23.24 1.64
CA HIS B 7 15.96 -23.97 1.17
C HIS B 7 14.71 -23.64 2.00
N GLU B 8 14.75 -23.93 3.30
CA GLU B 8 13.64 -23.62 4.21
C GLU B 8 13.28 -22.13 4.23
N ASP B 9 14.30 -21.29 4.35
CA ASP B 9 14.08 -19.85 4.52
C ASP B 9 13.38 -19.32 3.26
N ILE B 10 13.89 -19.73 2.11
CA ILE B 10 13.37 -19.32 0.82
C ILE B 10 11.92 -19.77 0.60
N HIS B 11 11.66 -21.06 0.81
CA HIS B 11 10.31 -21.58 0.76
C HIS B 11 9.35 -20.80 1.70
N THR B 12 9.77 -20.63 2.95
CA THR B 12 8.96 -19.90 3.92
C THR B 12 8.73 -18.48 3.42
N TYR B 13 9.75 -17.89 2.82
CA TYR B 13 9.64 -16.51 2.36
C TYR B 13 8.75 -16.45 1.10
N LEU B 14 8.91 -17.41 0.20
CA LEU B 14 8.00 -17.48 -0.95
C LEU B 14 6.56 -17.70 -0.52
N ARG B 15 6.34 -18.53 0.47
CA ARG B 15 5.00 -18.70 1.02
C ARG B 15 4.40 -17.39 1.48
N GLU B 16 5.24 -16.53 2.03
CA GLU B 16 4.78 -15.19 2.51
C GLU B 16 4.49 -14.20 1.36
N MET B 17 5.37 -14.19 0.37
CA MET B 17 5.23 -13.28 -0.76
C MET B 17 4.10 -13.66 -1.71
N GLU B 18 3.78 -14.95 -1.84
CA GLU B 18 2.67 -15.37 -2.75
C GLU B 18 1.33 -14.83 -2.30
N VAL B 19 1.18 -14.59 -1.00
CA VAL B 19 -0.03 -13.99 -0.48
C VAL B 19 -0.09 -12.52 -0.86
N LYS B 20 1.04 -11.83 -0.80
CA LYS B 20 1.10 -10.39 -1.14
C LYS B 20 0.92 -10.09 -2.63
N CYS B 21 1.38 -11.00 -3.51
CA CYS B 21 1.31 -10.80 -5.00
C CYS B 21 0.05 -11.43 -5.63
N LYS B 22 -0.92 -11.73 -4.79
CA LYS B 22 -2.12 -12.41 -5.22
C LYS B 22 -3.07 -11.42 -5.92
N PRO B 23 -3.64 -11.82 -7.09
CA PRO B 23 -4.68 -11.05 -7.78
C PRO B 23 -6.02 -11.16 -7.06
N LYS B 24 -6.94 -10.25 -7.34
CA LYS B 24 -8.31 -10.34 -6.80
C LYS B 24 -9.12 -11.45 -7.49
N VAL B 25 -9.76 -12.36 -6.75
CA VAL B 25 -10.35 -13.58 -7.37
C VAL B 25 -11.53 -13.30 -8.31
N GLY B 26 -12.30 -12.24 -8.03
CA GLY B 26 -13.51 -12.02 -8.81
C GLY B 26 -13.45 -10.81 -9.73
N TYR B 27 -12.23 -10.46 -10.15
CA TYR B 27 -11.99 -9.22 -10.88
C TYR B 27 -12.62 -9.26 -12.27
N MET B 28 -12.72 -10.43 -12.91
CA MET B 28 -13.29 -10.49 -14.28
C MET B 28 -14.78 -10.18 -14.31
N LYS B 29 -15.47 -10.46 -13.20
CA LYS B 29 -16.86 -10.11 -13.05
C LYS B 29 -16.99 -8.60 -13.13
N LYS B 30 -16.03 -7.87 -12.57
CA LYS B 30 -16.06 -6.40 -12.57
C LYS B 30 -15.42 -5.71 -13.78
N GLN B 31 -14.92 -6.53 -14.72
CA GLN B 31 -14.47 -6.05 -16.02
C GLN B 31 -15.66 -6.06 -16.99
N PRO B 32 -16.11 -4.89 -17.42
CA PRO B 32 -17.31 -4.85 -18.28
C PRO B 32 -17.10 -5.25 -19.71
N ASP B 33 -15.88 -5.17 -20.23
CA ASP B 33 -15.66 -5.42 -21.64
C ASP B 33 -14.87 -6.70 -21.95
N ILE B 34 -14.36 -7.38 -20.93
CA ILE B 34 -13.55 -8.58 -21.17
C ILE B 34 -13.94 -9.75 -20.26
N THR B 35 -13.47 -10.92 -20.66
CA THR B 35 -13.97 -12.19 -20.19
C THR B 35 -12.80 -13.14 -19.85
N ASN B 36 -13.09 -14.15 -19.05
CA ASN B 36 -12.20 -15.27 -18.79
C ASN B 36 -11.73 -15.91 -20.08
N SER B 37 -12.63 -15.92 -21.05
CA SER B 37 -12.38 -16.59 -22.32
C SER B 37 -11.39 -15.79 -23.16
N MET B 38 -11.54 -14.48 -23.16
CA MET B 38 -10.51 -13.62 -23.74
C MET B 38 -9.18 -13.77 -23.03
N ARG B 39 -9.19 -13.79 -21.70
CA ARG B 39 -7.95 -13.96 -20.94
C ARG B 39 -7.24 -15.26 -21.36
N ALA B 40 -8.05 -16.29 -21.54
CA ALA B 40 -7.58 -17.60 -21.91
C ALA B 40 -6.92 -17.58 -23.28
N ILE B 41 -7.54 -16.88 -24.23
CA ILE B 41 -6.94 -16.70 -25.55
C ILE B 41 -5.62 -15.94 -25.44
N LEU B 42 -5.57 -14.96 -24.53
CA LEU B 42 -4.36 -14.12 -24.37
C LEU B 42 -3.19 -14.93 -23.83
N VAL B 43 -3.44 -15.68 -22.75
CA VAL B 43 -2.40 -16.50 -22.11
C VAL B 43 -1.87 -17.57 -23.06
N ASP B 44 -2.79 -18.26 -23.75
CA ASP B 44 -2.44 -19.24 -24.81
C ASP B 44 -1.54 -18.62 -25.88
N TRP B 45 -1.89 -17.43 -26.34
CA TRP B 45 -1.04 -16.76 -27.30
C TRP B 45 0.34 -16.53 -26.70
N LEU B 46 0.41 -16.08 -25.45
CA LEU B 46 1.73 -15.82 -24.83
C LEU B 46 2.58 -17.09 -24.65
N VAL B 47 1.92 -18.22 -24.44
CA VAL B 47 2.61 -19.52 -24.42
C VAL B 47 3.33 -19.71 -25.72
N GLU B 48 2.63 -19.45 -26.81
CA GLU B 48 3.19 -19.61 -28.16
C GLU B 48 4.32 -18.59 -28.41
N VAL B 49 4.14 -17.39 -27.91
CA VAL B 49 5.19 -16.40 -28.09
C VAL B 49 6.46 -16.82 -27.36
N GLY B 50 6.34 -17.36 -26.16
CA GLY B 50 7.50 -17.82 -25.41
C GLY B 50 8.21 -18.97 -26.12
N GLU B 51 7.45 -19.80 -26.79
CA GLU B 51 8.03 -20.81 -27.65
C GLU B 51 8.77 -20.23 -28.84
N GLU B 52 8.14 -19.32 -29.56
CA GLU B 52 8.78 -18.79 -30.77
C GLU B 52 10.09 -18.13 -30.44
N TYR B 53 10.13 -17.43 -29.31
CA TYR B 53 11.31 -16.63 -28.90
C TYR B 53 12.20 -17.39 -27.91
N LYS B 54 11.88 -18.66 -27.64
CA LYS B 54 12.67 -19.50 -26.74
C LYS B 54 12.91 -18.86 -25.35
N LEU B 55 11.82 -18.32 -24.82
CA LEU B 55 11.78 -17.80 -23.49
C LEU B 55 11.65 -18.92 -22.45
N GLN B 56 12.13 -18.64 -21.26
CA GLN B 56 11.99 -19.54 -20.14
C GLN B 56 10.54 -19.62 -19.72
N ASN B 57 10.16 -20.77 -19.19
CA ASN B 57 8.80 -20.95 -18.68
C ASN B 57 8.44 -20.01 -17.50
N GLU B 58 9.41 -19.65 -16.67
CA GLU B 58 9.18 -18.69 -15.59
C GLU B 58 8.69 -17.34 -16.11
N THR B 59 9.21 -16.93 -17.27
CA THR B 59 8.82 -15.68 -17.89
C THR B 59 7.32 -15.62 -18.22
N LEU B 60 6.80 -16.72 -18.77
CA LEU B 60 5.36 -16.87 -18.99
C LEU B 60 4.56 -16.76 -17.67
N HIS B 61 5.03 -17.45 -16.64
CA HIS B 61 4.32 -17.46 -15.39
C HIS B 61 4.30 -16.08 -14.78
N LEU B 62 5.44 -15.40 -14.85
CA LEU B 62 5.52 -14.02 -14.34
C LEU B 62 4.55 -13.09 -15.11
N ALA B 63 4.52 -13.19 -16.44
CA ALA B 63 3.73 -12.28 -17.25
C ALA B 63 2.28 -12.42 -16.87
N VAL B 64 1.83 -13.66 -16.66
CA VAL B 64 0.43 -13.90 -16.29
C VAL B 64 0.13 -13.29 -14.93
N ASN B 65 1.01 -13.49 -13.98
CA ASN B 65 0.84 -12.85 -12.69
C ASN B 65 0.70 -11.33 -12.83
N TYR B 66 1.47 -10.73 -13.72
CA TYR B 66 1.43 -9.29 -13.91
C TYR B 66 0.11 -8.88 -14.53
N ILE B 67 -0.36 -9.66 -15.51
CA ILE B 67 -1.65 -9.37 -16.17
C ILE B 67 -2.80 -9.39 -15.16
N ASP B 68 -2.89 -10.45 -14.37
CA ASP B 68 -4.06 -10.62 -13.50
C ASP B 68 -4.12 -9.55 -12.41
N ARG B 69 -2.97 -9.20 -11.85
CA ARG B 69 -2.85 -8.09 -10.91
C ARG B 69 -3.15 -6.74 -11.52
N PHE B 70 -2.69 -6.49 -12.75
CA PHE B 70 -3.11 -5.29 -13.49
C PHE B 70 -4.63 -5.21 -13.68
N LEU B 71 -5.25 -6.31 -14.11
CA LEU B 71 -6.68 -6.31 -14.44
C LEU B 71 -7.54 -6.31 -13.17
N SER B 72 -6.93 -6.57 -12.03
CA SER B 72 -7.58 -6.46 -10.74
C SER B 72 -7.91 -5.00 -10.32
N SER B 73 -7.15 -4.01 -10.80
CA SER B 73 -7.48 -2.61 -10.51
C SER B 73 -7.75 -1.74 -11.71
N MET B 74 -7.41 -2.19 -12.92
CA MET B 74 -7.60 -1.35 -14.09
C MET B 74 -8.58 -1.98 -15.08
N SER B 75 -9.64 -1.24 -15.39
CA SER B 75 -10.56 -1.62 -16.46
C SER B 75 -9.90 -1.42 -17.80
N VAL B 76 -10.11 -2.41 -18.66
CA VAL B 76 -9.45 -2.48 -19.95
C VAL B 76 -10.47 -2.90 -20.99
N LEU B 77 -10.48 -2.18 -22.11
CA LEU B 77 -11.31 -2.55 -23.24
C LEU B 77 -10.65 -3.67 -24.05
N ARG B 78 -11.48 -4.51 -24.68
CA ARG B 78 -11.00 -5.70 -25.41
C ARG B 78 -9.93 -5.38 -26.47
N GLY B 79 -9.94 -4.16 -27.00
CA GLY B 79 -8.96 -3.77 -28.02
C GLY B 79 -7.59 -3.44 -27.45
N LYS B 80 -7.52 -3.30 -26.13
CA LYS B 80 -6.27 -2.99 -25.46
C LYS B 80 -5.72 -4.14 -24.56
N LEU B 81 -6.50 -5.21 -24.41
CA LEU B 81 -6.08 -6.34 -23.58
C LEU B 81 -4.78 -6.94 -24.11
N GLN B 82 -4.62 -6.99 -25.42
CA GLN B 82 -3.41 -7.52 -25.99
C GLN B 82 -2.23 -6.58 -25.67
N LEU B 83 -2.49 -5.28 -25.61
CA LEU B 83 -1.44 -4.31 -25.28
C LEU B 83 -0.95 -4.57 -23.87
N VAL B 84 -1.90 -4.84 -22.96
CA VAL B 84 -1.54 -5.18 -21.60
C VAL B 84 -0.67 -6.45 -21.57
N GLY B 85 -1.09 -7.49 -22.26
CA GLY B 85 -0.34 -8.73 -22.26
C GLY B 85 1.06 -8.57 -22.78
N THR B 86 1.19 -7.80 -23.85
CA THR B 86 2.46 -7.58 -24.53
C THR B 86 3.46 -6.84 -23.64
N ALA B 87 2.96 -5.84 -22.93
CA ALA B 87 3.79 -5.10 -21.97
C ALA B 87 4.20 -5.99 -20.78
N ALA B 88 3.27 -6.81 -20.32
CA ALA B 88 3.53 -7.80 -19.27
C ALA B 88 4.65 -8.75 -19.67
N MET B 89 4.57 -9.29 -20.89
CA MET B 89 5.61 -10.20 -21.38
C MET B 89 6.99 -9.51 -21.55
N LEU B 90 6.99 -8.26 -22.00
CA LEU B 90 8.22 -7.45 -22.07
C LEU B 90 8.85 -7.28 -20.68
N LEU B 91 8.04 -6.92 -19.71
CA LEU B 91 8.52 -6.72 -18.34
C LEU B 91 9.02 -8.02 -17.71
N ALA B 92 8.31 -9.11 -17.94
CA ALA B 92 8.71 -10.40 -17.40
C ALA B 92 10.04 -10.83 -18.03
N SER B 93 10.21 -10.52 -19.30
CA SER B 93 11.44 -10.92 -20.01
C SER B 93 12.60 -10.12 -19.48
N LYS B 94 12.37 -8.85 -19.24
CA LYS B 94 13.37 -7.99 -18.64
C LYS B 94 13.78 -8.50 -17.26
N PHE B 95 12.82 -8.93 -16.46
CA PHE B 95 13.12 -9.43 -15.10
C PHE B 95 13.86 -10.77 -15.10
N GLU B 96 13.44 -11.66 -15.98
CA GLU B 96 13.83 -13.04 -15.91
C GLU B 96 14.86 -13.48 -16.96
N GLU B 97 14.85 -12.90 -18.15
CA GLU B 97 15.72 -13.38 -19.26
C GLU B 97 17.12 -12.75 -19.19
N ILE B 98 18.10 -13.48 -19.73
CA ILE B 98 19.47 -12.98 -19.73
C ILE B 98 19.53 -11.75 -20.58
N TYR B 99 19.06 -11.85 -21.80
CA TYR B 99 18.70 -10.62 -22.49
C TYR B 99 17.34 -10.76 -23.17
N PRO B 100 16.45 -9.79 -22.89
CA PRO B 100 15.09 -9.87 -23.45
C PRO B 100 15.06 -9.59 -24.96
N PRO B 101 13.99 -10.03 -25.62
CA PRO B 101 13.84 -9.59 -27.01
C PRO B 101 13.75 -8.07 -27.03
N GLU B 102 14.27 -7.44 -28.06
CA GLU B 102 14.05 -6.00 -28.27
C GLU B 102 12.58 -5.63 -28.28
N VAL B 103 12.32 -4.37 -27.94
CA VAL B 103 10.95 -3.83 -27.94
C VAL B 103 10.23 -4.04 -29.29
N ALA B 104 10.95 -3.81 -30.38
CA ALA B 104 10.44 -4.00 -31.74
C ALA B 104 9.85 -5.39 -31.90
N GLU B 105 10.47 -6.40 -31.29
CA GLU B 105 9.93 -7.76 -31.37
C GLU B 105 8.55 -7.83 -30.75
N PHE B 106 8.30 -7.05 -29.71
CA PHE B 106 7.00 -7.05 -29.04
C PHE B 106 5.96 -6.30 -29.78
N VAL B 107 6.38 -5.40 -30.67
CA VAL B 107 5.45 -4.76 -31.64
C VAL B 107 5.06 -5.75 -32.74
N TYR B 108 6.07 -6.41 -33.30
CA TYR B 108 5.89 -7.39 -34.37
C TYR B 108 4.95 -8.54 -33.99
N ILE B 109 5.01 -9.01 -32.74
CA ILE B 109 4.26 -10.22 -32.38
C ILE B 109 2.77 -9.95 -32.38
N THR B 110 2.40 -8.67 -32.32
CA THR B 110 0.97 -8.30 -32.34
C THR B 110 0.50 -7.99 -33.77
N ASP B 111 1.35 -8.28 -34.75
CA ASP B 111 1.14 -7.88 -36.14
C ASP B 111 1.06 -6.37 -36.32
N ASP B 112 1.84 -5.65 -35.50
CA ASP B 112 1.93 -4.18 -35.52
C ASP B 112 0.57 -3.52 -35.34
N THR B 113 -0.27 -4.11 -34.48
CA THR B 113 -1.49 -3.44 -34.06
C THR B 113 -1.22 -2.29 -33.04
N TYR B 114 -0.06 -2.26 -32.42
CA TYR B 114 0.29 -1.14 -31.54
C TYR B 114 1.62 -0.58 -31.94
N THR B 115 1.89 0.66 -31.61
CA THR B 115 3.22 1.23 -31.88
C THR B 115 4.22 0.97 -30.75
N LYS B 116 5.49 1.17 -31.04
CA LYS B 116 6.54 0.95 -30.07
C LYS B 116 6.30 1.84 -28.86
N LYS B 117 5.84 3.05 -29.14
CA LYS B 117 5.60 4.02 -28.09
C LYS B 117 4.46 3.60 -27.18
N GLN B 118 3.41 3.02 -27.76
CA GLN B 118 2.27 2.51 -26.99
C GLN B 118 2.68 1.39 -26.06
N VAL B 119 3.48 0.47 -26.57
CA VAL B 119 4.02 -0.62 -25.77
C VAL B 119 4.83 -0.06 -24.60
N LEU B 120 5.68 0.91 -24.88
CA LEU B 120 6.57 1.47 -23.84
C LEU B 120 5.78 2.28 -22.82
N ARG B 121 4.72 2.93 -23.23
CA ARG B 121 4.00 3.63 -22.24
C ARG B 121 3.04 2.77 -21.51
N MET B 122 2.66 1.64 -22.09
CA MET B 122 1.93 0.64 -21.31
C MET B 122 2.85 -0.02 -20.30
N GLU B 123 4.11 -0.24 -20.68
CA GLU B 123 5.14 -0.71 -19.75
C GLU B 123 5.21 0.18 -18.49
N HIS B 124 5.30 1.47 -18.71
CA HIS B 124 5.34 2.45 -17.64
C HIS B 124 4.09 2.33 -16.77
N LEU B 125 2.93 2.14 -17.39
CA LEU B 125 1.69 2.15 -16.63
C LEU B 125 1.62 0.87 -15.78
N VAL B 126 2.11 -0.24 -16.33
CA VAL B 126 2.07 -1.51 -15.62
C VAL B 126 3.01 -1.46 -14.41
N LEU B 127 4.21 -0.88 -14.60
CA LEU B 127 5.10 -0.67 -13.48
C LEU B 127 4.45 0.17 -12.40
N LYS B 128 3.77 1.24 -12.79
CA LYS B 128 3.07 2.12 -11.84
C LYS B 128 2.02 1.33 -11.02
N VAL B 129 1.19 0.55 -11.69
CA VAL B 129 0.07 -0.15 -11.03
C VAL B 129 0.55 -1.30 -10.17
N LEU B 130 1.64 -1.93 -10.57
CA LEU B 130 2.22 -3.05 -9.83
C LEU B 130 3.20 -2.53 -8.80
N THR B 131 3.36 -1.19 -8.77
CA THR B 131 4.28 -0.47 -7.88
C THR B 131 5.68 -1.09 -7.87
N PHE B 132 6.11 -1.49 -9.08
CA PHE B 132 7.43 -2.09 -9.30
C PHE B 132 7.68 -3.41 -8.60
N ASP B 133 6.63 -4.03 -8.07
CA ASP B 133 6.74 -5.30 -7.38
C ASP B 133 6.60 -6.48 -8.37
N LEU B 134 7.71 -6.87 -8.98
CA LEU B 134 7.71 -7.83 -10.06
C LEU B 134 8.26 -9.22 -9.73
N ALA B 135 8.85 -9.37 -8.53
CA ALA B 135 9.46 -10.64 -8.08
C ALA B 135 8.42 -11.53 -7.41
N ALA B 136 7.37 -11.87 -8.15
CA ALA B 136 6.25 -12.66 -7.68
C ALA B 136 6.54 -14.16 -7.70
N PRO B 137 6.26 -14.87 -6.58
CA PRO B 137 6.40 -16.33 -6.59
C PRO B 137 5.46 -16.98 -7.62
N THR B 138 5.89 -18.06 -8.27
CA THR B 138 5.05 -18.68 -9.29
C THR B 138 4.88 -20.16 -9.02
N VAL B 139 3.94 -20.77 -9.74
CA VAL B 139 3.73 -22.21 -9.65
C VAL B 139 5.04 -22.92 -9.98
N ASN B 140 5.74 -22.39 -10.98
CA ASN B 140 6.97 -22.94 -11.55
C ASN B 140 8.12 -22.89 -10.52
N GLN B 141 8.11 -21.86 -9.67
CA GLN B 141 9.08 -21.77 -8.57
C GLN B 141 8.77 -22.82 -7.54
N PHE B 142 7.50 -22.93 -7.10
CA PHE B 142 7.15 -23.93 -6.07
C PHE B 142 7.40 -25.36 -6.58
N LEU B 143 7.07 -25.64 -7.84
CA LEU B 143 7.35 -26.97 -8.39
C LEU B 143 8.85 -27.26 -8.41
N THR B 144 9.63 -26.27 -8.79
CA THR B 144 11.08 -26.42 -8.86
C THR B 144 11.64 -26.77 -7.48
N GLN B 145 11.14 -26.14 -6.43
CA GLN B 145 11.54 -26.47 -5.08
C GLN B 145 11.00 -27.86 -4.63
N TYR B 146 9.79 -28.21 -5.07
CA TYR B 146 9.22 -29.51 -4.66
C TYR B 146 10.02 -30.66 -5.30
N PHE B 147 10.55 -30.43 -6.51
CA PHE B 147 11.32 -31.43 -7.22
C PHE B 147 12.56 -31.90 -6.43
N LEU B 148 13.05 -31.10 -5.48
CA LEU B 148 14.14 -31.56 -4.64
C LEU B 148 13.73 -32.72 -3.72
N HIS B 149 12.43 -33.06 -3.67
CA HIS B 149 11.97 -34.13 -2.77
C HIS B 149 11.49 -35.41 -3.47
N GLN B 150 11.91 -35.61 -4.72
CA GLN B 150 11.67 -36.87 -5.43
C GLN B 150 12.62 -37.98 -4.97
N GLN B 151 12.07 -39.19 -4.79
CA GLN B 151 12.84 -40.37 -4.37
C GLN B 151 12.55 -41.55 -5.31
N PRO B 152 13.35 -41.70 -6.38
CA PRO B 152 14.34 -40.75 -6.90
C PRO B 152 13.74 -39.82 -7.97
N ALA B 153 14.56 -38.88 -8.47
CA ALA B 153 14.08 -37.88 -9.42
C ALA B 153 13.68 -38.53 -10.75
N ASN B 154 12.56 -38.09 -11.29
CA ASN B 154 11.93 -38.75 -12.44
C ASN B 154 11.51 -37.64 -13.41
N CYS B 155 12.06 -37.69 -14.61
CA CYS B 155 11.96 -36.54 -15.48
C CYS B 155 10.61 -36.47 -16.22
N LYS B 156 9.91 -37.60 -16.38
CA LYS B 156 8.50 -37.56 -16.81
C LYS B 156 7.63 -36.88 -15.76
N VAL B 157 7.90 -37.15 -14.50
CA VAL B 157 7.09 -36.57 -13.43
C VAL B 157 7.27 -35.06 -13.53
N GLU B 158 8.52 -34.62 -13.60
CA GLU B 158 8.81 -33.19 -13.62
C GLU B 158 8.14 -32.50 -14.79
N SER B 159 8.35 -33.04 -15.99
CA SER B 159 7.78 -32.49 -17.21
C SER B 159 6.26 -32.45 -17.18
N LEU B 160 5.63 -33.51 -16.68
CA LEU B 160 4.16 -33.56 -16.62
C LEU B 160 3.64 -32.56 -15.59
N ALA B 161 4.36 -32.43 -14.48
CA ALA B 161 3.99 -31.44 -13.47
C ALA B 161 4.08 -30.00 -14.01
N MET B 162 5.11 -29.72 -14.80
CA MET B 162 5.20 -28.44 -15.49
C MET B 162 4.02 -28.21 -16.45
N PHE B 163 3.68 -29.24 -17.23
CA PHE B 163 2.53 -29.18 -18.12
C PHE B 163 1.25 -28.78 -17.38
N LEU B 164 0.98 -29.47 -16.28
CA LEU B 164 -0.22 -29.26 -15.53
C LEU B 164 -0.21 -27.87 -14.91
N GLY B 165 0.96 -27.46 -14.42
CA GLY B 165 1.12 -26.13 -13.88
C GLY B 165 0.73 -25.09 -14.92
N GLU B 166 1.20 -25.25 -16.16
CA GLU B 166 0.94 -24.24 -17.23
C GLU B 166 -0.51 -24.23 -17.65
N LEU B 167 -1.12 -25.41 -17.72
CA LEU B 167 -2.55 -25.51 -18.03
C LEU B 167 -3.37 -24.67 -17.10
N SER B 168 -2.96 -24.57 -15.85
CA SER B 168 -3.73 -23.84 -14.88
C SER B 168 -3.67 -22.33 -15.14
N LEU B 169 -2.67 -21.87 -15.88
CA LEU B 169 -2.58 -20.43 -16.21
C LEU B 169 -3.71 -19.95 -17.16
N ILE B 170 -4.31 -20.89 -17.88
CA ILE B 170 -5.21 -20.57 -18.95
C ILE B 170 -6.59 -20.19 -18.44
N ASP B 171 -7.00 -20.87 -17.36
CA ASP B 171 -8.39 -20.78 -16.87
C ASP B 171 -8.45 -20.08 -15.50
N ALA B 172 -8.79 -18.80 -15.53
CA ALA B 172 -8.99 -17.97 -14.35
C ALA B 172 -10.03 -18.56 -13.36
N ASP B 173 -11.18 -18.99 -13.88
CA ASP B 173 -12.09 -19.86 -13.13
C ASP B 173 -11.77 -21.29 -13.55
N PRO B 174 -11.29 -22.13 -12.62
CA PRO B 174 -11.19 -22.01 -11.17
C PRO B 174 -9.87 -21.50 -10.57
N TYR B 175 -8.79 -21.39 -11.36
CA TYR B 175 -7.43 -21.45 -10.75
C TYR B 175 -7.00 -20.21 -9.98
N LEU B 176 -7.66 -19.07 -10.22
CA LEU B 176 -7.43 -17.87 -9.42
C LEU B 176 -7.81 -18.03 -7.95
N LYS B 177 -8.59 -19.05 -7.61
CA LYS B 177 -8.95 -19.34 -6.23
C LYS B 177 -7.78 -19.81 -5.37
N TYR B 178 -6.73 -20.35 -6.01
CA TYR B 178 -5.70 -21.10 -5.33
C TYR B 178 -4.39 -20.33 -5.37
N LEU B 179 -3.66 -20.34 -4.26
CA LEU B 179 -2.29 -19.84 -4.24
C LEU B 179 -1.39 -20.75 -5.08
N PRO B 180 -0.28 -20.20 -5.62
CA PRO B 180 0.68 -20.98 -6.41
C PRO B 180 1.27 -22.24 -5.75
N SER B 181 1.52 -22.18 -4.45
CA SER B 181 2.04 -23.33 -3.70
C SER B 181 1.04 -24.51 -3.69
N VAL B 182 -0.24 -24.18 -3.69
CA VAL B 182 -1.32 -25.18 -3.69
C VAL B 182 -1.43 -25.82 -5.09
N ILE B 183 -1.49 -24.99 -6.14
CA ILE B 183 -1.49 -25.50 -7.51
C ILE B 183 -0.27 -26.37 -7.78
N ALA B 184 0.90 -25.94 -7.31
CA ALA B 184 2.14 -26.71 -7.46
C ALA B 184 2.02 -28.07 -6.71
N GLY B 185 1.41 -28.03 -5.55
CA GLY B 185 1.18 -29.24 -4.78
C GLY B 185 0.33 -30.22 -5.56
N ALA B 186 -0.80 -29.74 -6.08
CA ALA B 186 -1.71 -30.59 -6.85
C ALA B 186 -1.07 -31.09 -8.13
N ALA B 187 -0.29 -30.24 -8.78
CA ALA B 187 0.34 -30.59 -10.03
C ALA B 187 1.38 -31.68 -9.81
N PHE B 188 2.11 -31.59 -8.71
CA PHE B 188 3.15 -32.55 -8.42
C PHE B 188 2.57 -33.95 -8.10
N HIS B 189 1.59 -33.99 -7.19
CA HIS B 189 0.89 -35.23 -6.87
C HIS B 189 0.30 -35.89 -8.12
N LEU B 190 -0.51 -35.14 -8.85
CA LEU B 190 -1.17 -35.65 -10.03
C LEU B 190 -0.15 -36.15 -11.05
N ALA B 191 0.94 -35.42 -11.23
CA ALA B 191 2.02 -35.88 -12.12
C ALA B 191 2.68 -37.17 -11.60
N LEU B 192 2.98 -37.21 -10.31
CA LEU B 192 3.61 -38.39 -9.70
C LEU B 192 2.65 -39.59 -9.81
N TYR B 193 1.38 -39.34 -9.50
CA TYR B 193 0.36 -40.36 -9.52
C TYR B 193 0.20 -40.88 -10.93
N THR B 194 0.09 -39.97 -11.89
CA THR B 194 -0.11 -40.37 -13.28
C THR B 194 1.03 -41.25 -13.81
N VAL B 195 2.27 -40.96 -13.42
CA VAL B 195 3.44 -41.63 -14.01
C VAL B 195 3.75 -42.95 -13.30
N THR B 196 3.61 -42.96 -11.97
CA THR B 196 4.06 -44.09 -11.13
C THR B 196 2.99 -44.71 -10.21
N GLY B 197 1.87 -44.02 -10.01
CA GLY B 197 0.88 -44.43 -9.01
C GLY B 197 1.22 -44.05 -7.57
N GLN B 198 2.30 -43.27 -7.40
CA GLN B 198 2.75 -42.86 -6.08
C GLN B 198 1.98 -41.60 -5.67
N SER B 199 2.29 -41.10 -4.50
CA SER B 199 1.46 -40.08 -3.90
C SER B 199 2.27 -38.97 -3.18
N TRP B 200 1.64 -37.81 -3.05
CA TRP B 200 2.21 -36.63 -2.40
C TRP B 200 3.04 -37.04 -1.16
N PRO B 201 4.39 -36.94 -1.24
CA PRO B 201 5.27 -37.54 -0.22
C PRO B 201 5.21 -36.86 1.16
N GLU B 202 5.43 -37.65 2.21
CA GLU B 202 5.36 -37.15 3.60
C GLU B 202 6.34 -36.00 3.82
N SER B 203 7.50 -36.09 3.15
CA SER B 203 8.49 -35.05 3.26
C SER B 203 7.94 -33.70 2.81
N LEU B 204 7.15 -33.70 1.74
CA LEU B 204 6.44 -32.50 1.32
C LEU B 204 5.26 -32.17 2.18
N ILE B 205 4.63 -33.16 2.81
CA ILE B 205 3.61 -32.84 3.82
C ILE B 205 4.22 -32.12 5.02
N ARG B 206 5.41 -32.54 5.45
CA ARG B 206 6.04 -31.87 6.60
C ARG B 206 6.44 -30.44 6.22
N LYS B 207 7.09 -30.29 5.07
CA LYS B 207 7.61 -29.02 4.59
C LYS B 207 6.55 -27.97 4.28
N THR B 208 5.53 -28.34 3.50
CA THR B 208 4.49 -27.40 3.06
C THR B 208 3.42 -27.25 4.13
N GLY B 209 3.34 -28.25 5.02
CA GLY B 209 2.22 -28.31 5.94
C GLY B 209 0.91 -28.60 5.21
N TYR B 210 1.01 -29.07 3.96
CA TYR B 210 -0.16 -29.47 3.18
C TYR B 210 -0.34 -30.99 3.21
N THR B 211 -1.43 -31.47 3.80
CA THR B 211 -1.83 -32.88 3.63
C THR B 211 -2.42 -33.04 2.22
N LEU B 212 -2.45 -34.26 1.75
CA LEU B 212 -3.12 -34.57 0.49
C LEU B 212 -4.57 -34.12 0.50
N GLU B 213 -5.23 -34.34 1.64
CA GLU B 213 -6.62 -33.99 1.80
C GLU B 213 -6.86 -32.46 1.58
N SER B 214 -5.98 -31.61 2.12
CA SER B 214 -6.10 -30.16 1.90
C SER B 214 -5.90 -29.75 0.41
N LEU B 215 -5.17 -30.57 -0.34
CA LEU B 215 -4.97 -30.37 -1.78
C LEU B 215 -6.12 -30.88 -2.65
N LYS B 216 -7.08 -31.55 -2.03
CA LYS B 216 -8.15 -32.23 -2.79
C LYS B 216 -9.02 -31.32 -3.65
N PRO B 217 -9.47 -30.17 -3.12
CA PRO B 217 -10.26 -29.29 -3.98
C PRO B 217 -9.50 -28.88 -5.25
N CYS B 218 -8.26 -28.42 -5.10
CA CYS B 218 -7.49 -27.97 -6.27
C CYS B 218 -7.23 -29.15 -7.20
N LEU B 219 -6.99 -30.31 -6.61
CA LEU B 219 -6.63 -31.52 -7.38
C LEU B 219 -7.78 -32.03 -8.26
N MET B 220 -8.99 -32.04 -7.71
CA MET B 220 -10.17 -32.43 -8.49
C MET B 220 -10.41 -31.48 -9.68
N ASP B 221 -10.17 -30.20 -9.46
CA ASP B 221 -10.17 -29.22 -10.55
C ASP B 221 -9.10 -29.58 -11.58
N LEU B 222 -7.87 -29.80 -11.11
CA LEU B 222 -6.76 -30.10 -12.02
C LEU B 222 -6.92 -31.42 -12.80
N HIS B 223 -7.47 -32.45 -12.14
CA HIS B 223 -7.84 -33.71 -12.79
C HIS B 223 -8.83 -33.51 -13.94
N GLN B 224 -9.87 -32.72 -13.72
CA GLN B 224 -10.82 -32.44 -14.78
C GLN B 224 -10.15 -31.69 -15.91
N THR B 225 -9.34 -30.67 -15.58
CA THR B 225 -8.62 -29.92 -16.59
C THR B 225 -7.74 -30.85 -17.43
N TYR B 226 -7.02 -31.75 -16.77
CA TYR B 226 -6.15 -32.71 -17.45
C TYR B 226 -6.96 -33.67 -18.35
N LEU B 227 -8.10 -34.12 -17.86
CA LEU B 227 -8.95 -35.05 -18.61
C LEU B 227 -9.52 -34.40 -19.85
N LYS B 228 -9.93 -33.14 -19.69
CA LYS B 228 -10.56 -32.38 -20.74
C LYS B 228 -9.58 -31.56 -21.61
N ALA B 229 -8.28 -31.70 -21.34
CA ALA B 229 -7.25 -30.90 -22.06
C ALA B 229 -7.29 -31.04 -23.57
N PRO B 230 -7.51 -32.26 -24.10
CA PRO B 230 -7.53 -32.40 -25.57
C PRO B 230 -8.70 -31.73 -26.30
N GLN B 231 -9.78 -31.39 -25.58
CA GLN B 231 -10.98 -30.78 -26.18
C GLN B 231 -11.04 -29.25 -25.94
N HIS B 232 -10.13 -28.73 -25.13
CA HIS B 232 -10.14 -27.32 -24.74
C HIS B 232 -9.92 -26.45 -25.96
N ALA B 233 -10.60 -25.31 -26.00
CA ALA B 233 -10.44 -24.34 -27.11
C ALA B 233 -8.99 -23.94 -27.34
N GLN B 234 -8.20 -23.95 -26.29
CA GLN B 234 -6.81 -23.53 -26.32
C GLN B 234 -5.87 -24.72 -26.26
N GLN B 235 -4.94 -24.78 -27.18
CA GLN B 235 -4.12 -25.98 -27.42
C GLN B 235 -2.60 -25.77 -27.44
N SER B 236 -2.15 -24.53 -27.28
CA SER B 236 -0.72 -24.17 -27.34
C SER B 236 0.17 -24.95 -26.35
N ILE B 237 -0.33 -25.14 -25.14
CA ILE B 237 0.44 -25.84 -24.14
C ILE B 237 0.63 -27.32 -24.52
N ARG B 238 -0.47 -27.98 -24.94
CA ARG B 238 -0.41 -29.34 -25.48
C ARG B 238 0.59 -29.47 -26.61
N GLU B 239 0.52 -28.58 -27.59
CA GLU B 239 1.46 -28.59 -28.69
C GLU B 239 2.87 -28.42 -28.19
N LYS B 240 3.06 -27.52 -27.23
CA LYS B 240 4.38 -27.24 -26.67
C LYS B 240 4.98 -28.47 -26.03
N TYR B 241 4.17 -29.20 -25.27
CA TYR B 241 4.65 -30.32 -24.49
C TYR B 241 4.66 -31.64 -25.26
N LYS B 242 4.44 -31.57 -26.58
CA LYS B 242 4.62 -32.74 -27.45
C LYS B 242 6.10 -32.89 -27.78
N ASN B 243 6.88 -31.84 -27.57
CA ASN B 243 8.29 -31.86 -27.91
C ASN B 243 9.09 -32.92 -27.16
N SER B 244 10.12 -33.46 -27.80
CA SER B 244 11.01 -34.44 -27.19
C SER B 244 11.64 -33.89 -25.92
N LYS B 245 11.88 -32.59 -25.89
CA LYS B 245 12.38 -31.92 -24.66
C LYS B 245 11.65 -32.41 -23.38
N TYR B 246 10.40 -32.84 -23.53
CA TYR B 246 9.51 -32.98 -22.38
C TYR B 246 9.02 -34.43 -22.24
N HIS B 247 9.73 -35.35 -22.88
CA HIS B 247 9.41 -36.79 -22.83
C HIS B 247 7.94 -37.11 -23.29
N GLY B 248 7.36 -36.24 -24.13
CA GLY B 248 5.95 -36.37 -24.62
C GLY B 248 4.82 -36.45 -23.59
N VAL B 249 5.15 -36.31 -22.31
CA VAL B 249 4.15 -36.41 -21.26
C VAL B 249 2.70 -36.11 -21.70
N SER B 250 2.48 -35.01 -22.45
CA SER B 250 1.09 -34.65 -22.87
C SER B 250 0.51 -35.67 -23.91
N LEU B 251 1.29 -36.73 -24.20
CA LEU B 251 0.85 -37.94 -24.88
C LEU B 251 0.44 -39.11 -23.95
N LEU B 252 1.02 -39.16 -22.72
CA LEU B 252 0.57 -40.09 -21.64
C LEU B 252 -0.91 -39.94 -21.34
N ASN B 253 -1.51 -41.05 -20.93
CA ASN B 253 -2.95 -41.08 -20.64
C ASN B 253 -3.26 -40.76 -19.19
N PRO B 254 -4.17 -39.80 -18.97
CA PRO B 254 -4.57 -39.41 -17.64
C PRO B 254 -5.34 -40.51 -16.94
N PRO B 255 -5.17 -40.62 -15.63
CA PRO B 255 -5.92 -41.66 -14.92
C PRO B 255 -7.36 -41.24 -14.75
N GLU B 256 -8.30 -42.13 -15.06
CA GLU B 256 -9.69 -41.79 -14.94
C GLU B 256 -10.18 -41.66 -13.53
N THR B 257 -9.36 -42.11 -12.57
CA THR B 257 -9.68 -41.92 -11.17
C THR B 257 -8.44 -41.57 -10.35
N LEU B 258 -8.66 -40.85 -9.24
CA LEU B 258 -7.59 -40.37 -8.36
C LEU B 258 -7.36 -41.24 -7.11
N ASN B 259 -8.19 -42.25 -6.89
CA ASN B 259 -8.05 -43.07 -5.68
C ASN B 259 -8.08 -42.22 -4.42
N LEU B 260 -9.00 -41.27 -4.37
CA LEU B 260 -9.13 -40.38 -3.24
C LEU B 260 -10.39 -40.74 -2.48
N MET C 1 -0.91 12.63 -16.45
CA MET C 1 -1.96 13.21 -17.37
C MET C 1 -1.79 12.88 -18.84
N GLU C 2 -0.58 12.43 -19.21
CA GLU C 2 -0.26 12.15 -20.60
C GLU C 2 -1.12 11.01 -21.15
N ASN C 3 -1.61 10.13 -20.27
CA ASN C 3 -2.41 8.97 -20.69
C ASN C 3 -3.89 9.24 -20.91
N PHE C 4 -4.31 10.48 -20.67
CA PHE C 4 -5.72 10.83 -20.79
C PHE C 4 -5.98 11.81 -21.93
N GLN C 5 -6.90 11.46 -22.80
CA GLN C 5 -7.42 12.37 -23.80
C GLN C 5 -8.80 12.88 -23.29
N LYS C 6 -8.90 14.18 -23.00
CA LYS C 6 -10.19 14.76 -22.61
C LYS C 6 -11.16 14.83 -23.76
N VAL C 7 -12.40 14.44 -23.50
CA VAL C 7 -13.46 14.49 -24.51
C VAL C 7 -14.28 15.80 -24.43
N GLU C 8 -14.74 16.19 -23.24
CA GLU C 8 -15.59 17.37 -23.06
C GLU C 8 -15.73 17.76 -21.57
N LYS C 9 -15.90 19.05 -21.32
CA LYS C 9 -16.40 19.51 -20.02
C LYS C 9 -17.83 19.00 -19.87
N ILE C 10 -18.10 18.33 -18.77
CA ILE C 10 -19.41 17.74 -18.57
C ILE C 10 -20.07 18.37 -17.36
N GLY C 11 -19.28 19.12 -16.59
CA GLY C 11 -19.61 19.21 -15.20
C GLY C 11 -19.02 20.27 -14.31
N GLU C 12 -19.68 20.34 -13.15
CA GLU C 12 -19.08 20.81 -11.91
C GLU C 12 -18.39 19.69 -11.12
N GLY C 13 -17.18 19.99 -10.68
CA GLY C 13 -16.78 19.65 -9.32
C GLY C 13 -17.34 20.84 -8.58
N THR C 14 -17.65 20.70 -7.29
CA THR C 14 -17.96 21.88 -6.50
C THR C 14 -16.76 22.85 -6.67
N TYR C 15 -15.56 22.34 -6.40
CA TYR C 15 -14.33 22.87 -7.00
C TYR C 15 -14.29 22.76 -8.52
N GLY C 16 -14.18 23.93 -9.13
CA GLY C 16 -14.18 24.07 -10.58
C GLY C 16 -14.76 22.95 -11.40
N VAL C 17 -13.90 22.28 -12.15
CA VAL C 17 -14.36 21.67 -13.40
C VAL C 17 -14.27 20.17 -13.40
N VAL C 18 -15.30 19.53 -13.97
CA VAL C 18 -15.25 18.12 -14.27
C VAL C 18 -15.29 17.86 -15.76
N TYR C 19 -14.43 16.93 -16.18
CA TYR C 19 -14.24 16.55 -17.58
C TYR C 19 -14.50 15.06 -17.83
N LYS C 20 -15.06 14.75 -18.99
CA LYS C 20 -15.01 13.39 -19.53
C LYS C 20 -13.68 13.21 -20.26
N ALA C 21 -13.00 12.09 -19.98
CA ALA C 21 -11.69 11.80 -20.55
C ALA C 21 -11.65 10.33 -20.84
N ARG C 22 -10.70 9.89 -21.70
CA ARG C 22 -10.44 8.47 -21.87
C ARG C 22 -8.96 8.14 -21.76
N ASN C 23 -8.71 7.04 -21.08
CA ASN C 23 -7.39 6.44 -21.01
C ASN C 23 -6.95 5.93 -22.39
N LYS C 24 -5.93 6.58 -22.93
CA LYS C 24 -5.38 6.23 -24.23
C LYS C 24 -4.82 4.84 -24.26
N LEU C 25 -4.43 4.29 -23.11
CA LEU C 25 -3.75 2.97 -23.09
C LEU C 25 -4.67 1.83 -22.80
N THR C 26 -5.64 2.05 -21.91
CA THR C 26 -6.59 1.00 -21.52
C THR C 26 -7.99 1.14 -22.17
N GLY C 27 -8.28 2.33 -22.67
CA GLY C 27 -9.60 2.65 -23.15
C GLY C 27 -10.64 2.97 -22.09
N GLU C 28 -10.30 2.92 -20.83
CA GLU C 28 -11.24 3.30 -19.78
C GLU C 28 -11.73 4.77 -19.88
N VAL C 29 -13.04 4.96 -19.78
CA VAL C 29 -13.62 6.28 -19.73
C VAL C 29 -13.69 6.70 -18.27
N VAL C 30 -13.23 7.92 -18.03
CA VAL C 30 -13.18 8.46 -16.69
C VAL C 30 -13.75 9.87 -16.65
N ALA C 31 -14.07 10.31 -15.44
CA ALA C 31 -14.35 11.71 -15.15
C ALA C 31 -13.11 12.29 -14.46
N LEU C 32 -12.65 13.46 -14.91
CA LEU C 32 -11.53 14.11 -14.27
C LEU C 32 -12.03 15.35 -13.54
N LYS C 33 -11.78 15.42 -12.23
CA LYS C 33 -11.96 16.62 -11.47
C LYS C 33 -10.61 17.31 -11.37
N LYS C 34 -10.56 18.55 -11.87
CA LYS C 34 -9.31 19.32 -11.97
C LYS C 34 -9.34 20.48 -11.00
N ILE C 35 -8.31 20.58 -10.16
CA ILE C 35 -8.15 21.71 -9.25
C ILE C 35 -6.86 22.45 -9.60
N ARG C 36 -6.97 23.76 -9.81
CA ARG C 36 -5.82 24.56 -10.26
C ARG C 36 -4.98 24.99 -9.06
N LEU C 37 -3.67 24.95 -9.22
CA LEU C 37 -2.80 25.56 -8.23
C LEU C 37 -1.85 26.56 -8.93
N ASP C 38 -1.95 27.84 -8.53
CA ASP C 38 -0.79 28.71 -8.48
C ASP C 38 -0.86 29.51 -7.17
N THR C 39 -0.20 28.95 -6.16
CA THR C 39 -0.18 29.53 -4.83
C THR C 39 0.95 30.60 -4.82
N GLU C 40 0.88 31.64 -4.00
CA GLU C 40 0.15 31.77 -2.72
C GLU C 40 -1.21 31.05 -2.50
N THR C 41 -2.26 31.46 -3.20
CA THR C 41 -3.63 31.06 -2.84
C THR C 41 -3.74 30.41 -1.42
N GLU C 42 -4.45 29.29 -1.30
CA GLU C 42 -4.69 28.65 0.00
C GLU C 42 -4.38 27.13 0.04
N GLY C 43 -3.68 26.65 -0.98
CA GLY C 43 -3.28 25.26 -1.04
C GLY C 43 -4.37 24.34 -1.56
N VAL C 44 -4.34 23.08 -1.16
CA VAL C 44 -5.37 22.12 -1.57
C VAL C 44 -6.67 22.48 -0.83
N PRO C 45 -7.77 22.72 -1.56
CA PRO C 45 -9.06 23.06 -0.95
C PRO C 45 -9.56 21.95 -0.03
N SER C 46 -10.27 22.36 1.01
CA SER C 46 -10.78 21.42 1.99
C SER C 46 -11.77 20.43 1.35
N THR C 47 -12.50 20.89 0.34
CA THR C 47 -13.40 20.00 -0.44
C THR C 47 -12.64 18.83 -1.08
N ALA C 48 -11.41 19.08 -1.51
CA ALA C 48 -10.57 18.03 -2.07
C ALA C 48 -9.97 17.14 -0.98
N ILE C 49 -9.45 17.74 0.07
CA ILE C 49 -8.95 16.99 1.20
C ILE C 49 -10.03 15.99 1.67
N ARG C 50 -11.25 16.47 1.84
CA ARG C 50 -12.31 15.63 2.36
C ARG C 50 -12.77 14.56 1.39
N GLU C 51 -12.96 14.93 0.13
CA GLU C 51 -13.45 13.99 -0.86
C GLU C 51 -12.48 12.85 -1.08
N ILE C 52 -11.21 13.17 -1.18
CA ILE C 52 -10.23 12.17 -1.47
C ILE C 52 -10.09 11.28 -0.26
N SER C 53 -9.89 11.87 0.92
CA SER C 53 -9.58 11.05 2.11
C SER C 53 -10.77 10.17 2.47
N LEU C 54 -11.97 10.69 2.34
CA LEU C 54 -13.16 9.91 2.67
C LEU C 54 -13.45 8.85 1.60
N LEU C 55 -13.32 9.21 0.35
CA LEU C 55 -13.78 8.34 -0.72
C LEU C 55 -12.88 7.13 -0.87
N LYS C 56 -11.57 7.30 -0.63
CA LYS C 56 -10.68 6.15 -0.77
C LYS C 56 -10.86 5.14 0.33
N GLU C 57 -11.62 5.51 1.37
CA GLU C 57 -12.07 4.51 2.34
C GLU C 57 -13.31 3.72 1.90
N LEU C 58 -14.07 4.28 0.95
CA LEU C 58 -15.40 3.78 0.61
C LEU C 58 -15.44 3.05 -0.73
N ASN C 59 -15.37 1.74 -0.72
CA ASN C 59 -15.55 0.95 -1.92
C ASN C 59 -16.88 0.23 -1.85
N HIS C 60 -17.81 0.64 -2.71
CA HIS C 60 -19.14 0.11 -2.71
C HIS C 60 -19.75 0.38 -4.10
N PRO C 61 -20.60 -0.54 -4.61
CA PRO C 61 -21.20 -0.40 -5.95
C PRO C 61 -22.08 0.83 -6.15
N ASN C 62 -22.58 1.38 -5.05
CA ASN C 62 -23.42 2.58 -5.06
C ASN C 62 -22.73 3.85 -4.57
N ILE C 63 -21.42 3.86 -4.62
CA ILE C 63 -20.62 5.07 -4.36
C ILE C 63 -19.56 5.20 -5.48
N VAL C 64 -19.49 6.36 -6.12
CA VAL C 64 -18.54 6.56 -7.23
C VAL C 64 -17.17 6.18 -6.81
N LYS C 65 -16.51 5.41 -7.64
CA LYS C 65 -15.15 4.97 -7.38
C LYS C 65 -14.17 6.05 -7.80
N LEU C 66 -13.35 6.49 -6.83
CA LEU C 66 -12.13 7.24 -7.08
C LEU C 66 -11.00 6.33 -7.51
N LEU C 67 -10.58 6.48 -8.76
CA LEU C 67 -9.60 5.57 -9.34
C LEU C 67 -8.16 6.00 -9.07
N ASP C 68 -7.89 7.30 -9.08
CA ASP C 68 -6.52 7.76 -8.94
C ASP C 68 -6.52 9.21 -8.52
N VAL C 69 -5.41 9.63 -7.90
CA VAL C 69 -5.15 11.04 -7.63
C VAL C 69 -3.80 11.40 -8.28
N ILE C 70 -3.80 12.40 -9.13
CA ILE C 70 -2.55 12.76 -9.82
C ILE C 70 -2.03 14.10 -9.34
N HIS C 71 -0.80 14.02 -8.80
CA HIS C 71 -0.05 15.09 -8.16
C HIS C 71 0.93 15.71 -9.12
N THR C 72 0.99 17.02 -9.13
CA THR C 72 2.12 17.66 -9.74
C THR C 72 2.46 18.87 -8.89
N GLU C 73 3.53 19.56 -9.26
CA GLU C 73 3.92 20.80 -8.61
C GLU C 73 2.71 21.76 -8.47
N ASN C 74 1.95 21.99 -9.54
CA ASN C 74 0.86 22.99 -9.40
C ASN C 74 -0.51 22.61 -10.01
N LYS C 75 -0.78 21.32 -10.13
CA LYS C 75 -2.16 20.88 -10.36
C LYS C 75 -2.52 19.54 -9.76
N LEU C 76 -3.82 19.39 -9.50
CA LEU C 76 -4.33 18.22 -8.81
C LEU C 76 -5.57 17.70 -9.51
N TYR C 77 -5.49 16.47 -10.01
CA TYR C 77 -6.59 15.82 -10.73
C TYR C 77 -7.09 14.62 -9.94
N LEU C 78 -8.39 14.59 -9.71
CA LEU C 78 -9.06 13.40 -9.21
C LEU C 78 -9.66 12.63 -10.37
N VAL C 79 -9.35 11.35 -10.46
CA VAL C 79 -9.86 10.46 -11.51
C VAL C 79 -10.92 9.50 -10.99
N PHE C 80 -12.12 9.63 -11.54
CA PHE C 80 -13.28 8.83 -11.16
C PHE C 80 -13.74 7.91 -12.29
N GLU C 81 -14.39 6.82 -11.94
CA GLU C 81 -15.14 6.05 -12.89
C GLU C 81 -16.18 6.97 -13.52
N PHE C 82 -16.44 6.83 -14.81
CA PHE C 82 -17.42 7.67 -15.49
C PHE C 82 -18.82 7.04 -15.45
N LEU C 83 -19.80 7.90 -15.20
CA LEU C 83 -21.21 7.59 -15.28
C LEU C 83 -21.86 8.57 -16.23
N HIS C 84 -22.96 8.14 -16.85
CA HIS C 84 -23.53 8.81 -18.04
C HIS C 84 -24.12 10.18 -17.71
N GLN C 85 -24.90 10.26 -16.64
CA GLN C 85 -25.47 11.54 -16.23
C GLN C 85 -25.92 11.61 -14.80
N ASP C 86 -26.35 12.80 -14.42
CA ASP C 86 -26.91 13.03 -13.09
C ASP C 86 -28.40 12.88 -13.03
N LEU C 87 -28.92 12.64 -11.84
CA LEU C 87 -30.35 12.37 -11.66
C LEU C 87 -31.19 13.56 -12.10
N LYS C 88 -30.76 14.75 -11.77
CA LYS C 88 -31.53 15.94 -12.10
C LYS C 88 -31.77 16.03 -13.61
N LYS C 89 -30.73 15.77 -14.42
CA LYS C 89 -30.88 15.83 -15.89
C LYS C 89 -31.82 14.74 -16.35
N PHE C 90 -31.75 13.60 -15.69
CA PHE C 90 -32.59 12.48 -16.09
C PHE C 90 -34.02 12.79 -15.70
N MET C 91 -34.21 13.42 -14.56
CA MET C 91 -35.54 13.85 -14.13
C MET C 91 -36.19 14.79 -15.18
N ASP C 92 -35.47 15.85 -15.56
CA ASP C 92 -35.98 16.81 -16.55
C ASP C 92 -36.28 16.14 -17.89
N ALA C 93 -35.38 15.29 -18.36
CA ALA C 93 -35.61 14.58 -19.60
C ALA C 93 -36.78 13.65 -19.43
N SER C 94 -37.14 13.35 -18.18
CA SER C 94 -38.21 12.41 -17.90
C SER C 94 -39.50 13.10 -17.45
N ALA C 95 -39.46 14.42 -17.27
CA ALA C 95 -40.67 15.18 -16.91
C ALA C 95 -41.74 14.91 -17.95
N LEU C 96 -42.94 14.61 -17.49
CA LEU C 96 -44.08 14.19 -18.34
C LEU C 96 -44.02 12.80 -19.01
N THR C 97 -42.84 12.26 -19.24
CA THR C 97 -42.75 10.82 -19.31
C THR C 97 -43.05 10.23 -17.92
N GLY C 98 -42.44 10.82 -16.89
CA GLY C 98 -42.34 10.19 -15.58
C GLY C 98 -41.24 9.13 -15.59
N ILE C 99 -40.50 9.05 -14.49
CA ILE C 99 -39.61 7.93 -14.22
C ILE C 99 -40.50 6.75 -13.82
N PRO C 100 -40.33 5.60 -14.48
CA PRO C 100 -41.12 4.44 -14.09
C PRO C 100 -40.90 4.06 -12.62
N LEU C 101 -41.98 3.67 -11.97
CA LEU C 101 -41.99 3.43 -10.56
C LEU C 101 -40.98 2.35 -10.17
N PRO C 102 -40.89 1.26 -10.95
CA PRO C 102 -39.84 0.27 -10.67
C PRO C 102 -38.42 0.80 -10.65
N LEU C 103 -38.14 1.76 -11.53
CA LEU C 103 -36.82 2.41 -11.57
C LEU C 103 -36.65 3.31 -10.36
N ILE C 104 -37.73 3.96 -9.93
CA ILE C 104 -37.64 4.84 -8.78
C ILE C 104 -37.30 4.00 -7.58
N LYS C 105 -37.99 2.87 -7.43
CA LYS C 105 -37.77 1.97 -6.31
C LYS C 105 -36.35 1.39 -6.36
N SER C 106 -35.91 0.94 -7.55
CA SER C 106 -34.51 0.49 -7.70
C SER C 106 -33.50 1.56 -7.27
N TYR C 107 -33.73 2.77 -7.73
CA TYR C 107 -32.79 3.85 -7.50
C TYR C 107 -32.68 4.17 -6.00
N LEU C 108 -33.82 4.21 -5.32
CA LEU C 108 -33.85 4.53 -3.90
C LEU C 108 -33.20 3.41 -3.08
N PHE C 109 -33.50 2.17 -3.45
CA PHE C 109 -32.87 0.98 -2.83
C PHE C 109 -31.36 1.08 -2.91
N GLN C 110 -30.84 1.33 -4.10
CA GLN C 110 -29.42 1.52 -4.29
C GLN C 110 -28.83 2.70 -3.50
N LEU C 111 -29.50 3.85 -3.51
CA LEU C 111 -29.02 5.03 -2.80
C LEU C 111 -28.97 4.75 -1.31
N LEU C 112 -29.93 3.97 -0.80
CA LEU C 112 -29.96 3.64 0.63
C LEU C 112 -28.86 2.64 0.98
N GLN C 113 -28.56 1.72 0.06
CA GLN C 113 -27.42 0.85 0.27
C GLN C 113 -26.10 1.63 0.33
N GLY C 114 -25.93 2.60 -0.55
CA GLY C 114 -24.73 3.42 -0.54
C GLY C 114 -24.64 4.28 0.71
N LEU C 115 -25.76 4.86 1.10
CA LEU C 115 -25.83 5.62 2.36
C LEU C 115 -25.53 4.80 3.63
N ALA C 116 -26.16 3.63 3.76
CA ALA C 116 -25.88 2.74 4.89
C ALA C 116 -24.41 2.37 4.93
N PHE C 117 -23.78 2.18 3.77
CA PHE C 117 -22.35 1.93 3.78
C PHE C 117 -21.61 3.15 4.36
N CYS C 118 -21.93 4.36 3.87
CA CYS C 118 -21.33 5.60 4.35
C CYS C 118 -21.45 5.76 5.85
N HIS C 119 -22.65 5.55 6.38
CA HIS C 119 -22.91 5.78 7.77
C HIS C 119 -22.23 4.76 8.67
N SER C 120 -22.22 3.51 8.24
CA SER C 120 -21.53 2.43 8.98
C SER C 120 -20.01 2.59 8.95
N HIS C 121 -19.54 3.48 8.08
CA HIS C 121 -18.12 3.88 8.00
C HIS C 121 -17.95 5.34 8.46
N ARG C 122 -18.82 5.78 9.38
CA ARG C 122 -18.82 7.15 9.95
C ARG C 122 -18.61 8.29 8.95
N VAL C 123 -19.09 8.10 7.72
CA VAL C 123 -19.13 9.18 6.78
C VAL C 123 -20.56 9.72 6.56
N LEU C 124 -20.68 11.04 6.71
CA LEU C 124 -21.93 11.80 6.50
C LEU C 124 -21.79 12.63 5.23
N HIS C 125 -22.71 12.44 4.29
CA HIS C 125 -22.63 13.10 2.99
C HIS C 125 -22.94 14.61 3.05
N ARG C 126 -24.06 14.94 3.66
CA ARG C 126 -24.39 16.34 4.03
C ARG C 126 -24.98 17.22 2.89
N ASP C 127 -24.90 16.77 1.62
CA ASP C 127 -25.38 17.57 0.47
C ASP C 127 -25.96 16.68 -0.61
N LEU C 128 -26.86 15.79 -0.24
CA LEU C 128 -27.47 14.91 -1.22
C LEU C 128 -28.49 15.70 -2.00
N LYS C 129 -28.38 15.65 -3.31
CA LYS C 129 -29.30 16.34 -4.20
C LYS C 129 -29.20 15.62 -5.50
N PRO C 130 -30.19 15.79 -6.36
CA PRO C 130 -30.20 15.04 -7.62
C PRO C 130 -28.95 15.27 -8.53
N GLN C 131 -28.34 16.44 -8.41
CA GLN C 131 -27.16 16.77 -9.20
C GLN C 131 -25.95 15.95 -8.75
N ASN C 132 -25.97 15.51 -7.50
CA ASN C 132 -24.88 14.72 -6.91
C ASN C 132 -25.13 13.20 -6.99
N LEU C 133 -26.19 12.81 -7.68
CA LEU C 133 -26.50 11.41 -7.82
C LEU C 133 -26.37 11.07 -9.30
N LEU C 134 -25.55 10.08 -9.60
CA LEU C 134 -25.20 9.76 -10.98
C LEU C 134 -25.69 8.39 -11.40
N ILE C 135 -26.13 8.34 -12.65
CA ILE C 135 -26.68 7.11 -13.20
C ILE C 135 -25.90 6.60 -14.47
N ASN C 136 -25.94 5.29 -14.69
CA ASN C 136 -25.35 4.75 -15.91
C ASN C 136 -26.39 4.04 -16.76
N THR C 137 -25.96 3.49 -17.89
CA THR C 137 -26.91 2.91 -18.83
C THR C 137 -27.47 1.61 -18.31
N GLU C 138 -26.72 0.95 -17.42
CA GLU C 138 -27.04 -0.41 -16.96
C GLU C 138 -28.01 -0.49 -15.77
N GLY C 139 -28.53 0.66 -15.32
CA GLY C 139 -29.52 0.71 -14.22
C GLY C 139 -29.00 1.01 -12.81
N ALA C 140 -27.69 1.25 -12.69
CA ALA C 140 -27.06 1.68 -11.42
C ALA C 140 -27.23 3.16 -11.11
N ILE C 141 -27.20 3.46 -9.80
CA ILE C 141 -27.13 4.83 -9.32
C ILE C 141 -26.11 4.93 -8.15
N LYS C 142 -25.29 5.96 -8.16
CA LYS C 142 -24.22 6.07 -7.21
C LYS C 142 -24.17 7.45 -6.57
N LEU C 143 -23.82 7.49 -5.28
CA LEU C 143 -23.56 8.74 -4.59
C LEU C 143 -22.26 9.36 -5.13
N ALA C 144 -22.31 10.64 -5.45
CA ALA C 144 -21.11 11.36 -5.84
C ALA C 144 -20.98 12.72 -5.15
N ASP C 145 -19.82 13.31 -5.37
CA ASP C 145 -19.43 14.58 -4.78
C ASP C 145 -19.36 14.58 -3.26
N PHE C 146 -18.23 14.13 -2.71
CA PHE C 146 -18.03 14.08 -1.26
C PHE C 146 -17.21 15.26 -0.74
N GLY C 147 -17.30 16.36 -1.48
CA GLY C 147 -16.63 17.60 -1.11
C GLY C 147 -17.15 18.22 0.19
N LEU C 148 -18.45 18.14 0.44
CA LEU C 148 -19.05 18.64 1.69
C LEU C 148 -19.26 17.53 2.73
N ALA C 149 -18.81 16.33 2.41
CA ALA C 149 -18.91 15.21 3.33
C ALA C 149 -17.96 15.38 4.52
N ARG C 150 -18.39 14.82 5.65
CA ARG C 150 -17.61 14.85 6.90
C ARG C 150 -17.54 13.48 7.58
N ALA C 151 -16.39 13.19 8.20
CA ALA C 151 -16.24 12.06 9.08
C ALA C 151 -16.85 12.41 10.44
N PHE C 152 -17.64 11.50 11.03
CA PHE C 152 -18.25 11.79 12.34
C PHE C 152 -17.81 10.86 13.48
N GLY C 153 -16.52 10.53 13.52
CA GLY C 153 -15.96 9.88 14.71
C GLY C 153 -16.21 10.75 15.94
N VAL C 154 -16.16 12.06 15.76
CA VAL C 154 -16.65 13.00 16.75
C VAL C 154 -17.81 13.76 16.10
N PRO C 155 -18.84 14.13 16.89
CA PRO C 155 -20.00 14.78 16.25
C PRO C 155 -19.66 16.01 15.42
N VAL C 156 -20.26 16.12 14.23
CA VAL C 156 -20.02 17.24 13.34
C VAL C 156 -20.95 18.40 13.69
N ARG C 157 -20.30 19.51 14.00
CA ARG C 157 -20.90 20.79 14.33
C ARG C 157 -21.51 21.44 13.12
N THR C 158 -22.69 21.96 13.34
CA THR C 158 -23.46 22.60 12.34
C THR C 158 -22.86 23.95 11.86
N TYR C 159 -23.01 24.22 10.57
CA TYR C 159 -22.41 25.37 9.89
C TYR C 159 -23.30 26.63 10.01
N THR C 160 -22.67 27.79 9.91
CA THR C 160 -23.38 29.03 9.72
C THR C 160 -22.93 29.61 8.39
N HIS C 161 -23.82 30.36 7.74
CA HIS C 161 -23.46 31.11 6.53
C HIS C 161 -23.03 30.23 5.35
N GLU C 162 -23.45 28.98 5.36
CA GLU C 162 -23.30 28.16 4.18
C GLU C 162 -24.19 28.70 3.04
N VAL C 163 -23.65 28.68 1.82
CA VAL C 163 -24.39 29.10 0.61
C VAL C 163 -24.89 27.85 -0.12
N VAL C 164 -26.18 27.85 -0.45
CA VAL C 164 -26.92 26.61 -0.41
C VAL C 164 -28.03 26.52 -1.41
N THR C 165 -28.24 25.32 -1.93
CA THR C 165 -29.61 24.87 -2.15
C THR C 165 -30.08 24.39 -0.77
N LEU C 166 -31.23 24.91 -0.37
CA LEU C 166 -31.81 24.58 0.90
C LEU C 166 -32.89 23.49 0.78
N TRP C 167 -33.21 23.12 -0.47
CA TRP C 167 -34.37 22.29 -0.79
C TRP C 167 -34.36 20.97 -0.04
N TYR C 168 -33.16 20.44 0.21
CA TYR C 168 -32.97 19.11 0.70
C TYR C 168 -32.43 19.11 2.12
N ARG C 169 -32.51 20.27 2.77
CA ARG C 169 -32.02 20.48 4.13
C ARG C 169 -33.06 20.12 5.16
N ALA C 170 -32.59 19.46 6.21
CA ALA C 170 -33.43 18.86 7.21
C ALA C 170 -33.92 19.94 8.22
N PRO C 171 -35.12 19.74 8.80
CA PRO C 171 -35.71 20.76 9.61
C PRO C 171 -34.89 21.07 10.85
N GLU C 172 -34.29 20.07 11.50
CA GLU C 172 -33.48 20.30 12.68
C GLU C 172 -32.28 21.22 12.42
N ILE C 173 -31.73 21.16 11.23
CA ILE C 173 -30.65 22.03 10.89
C ILE C 173 -31.20 23.45 10.80
N LEU C 174 -32.31 23.61 10.07
CA LEU C 174 -32.98 24.88 9.89
C LEU C 174 -33.48 25.46 11.21
N LEU C 175 -33.81 24.62 12.17
CA LEU C 175 -34.25 25.08 13.48
C LEU C 175 -33.08 25.32 14.49
N GLY C 176 -31.85 25.13 14.02
CA GLY C 176 -30.66 25.54 14.77
C GLY C 176 -30.01 24.49 15.65
N CYS C 177 -30.23 23.19 15.40
CA CYS C 177 -29.49 22.18 16.17
C CYS C 177 -27.99 22.41 16.04
N LYS C 178 -27.28 21.99 17.08
CA LYS C 178 -25.85 22.23 17.17
C LYS C 178 -25.03 21.20 16.34
N TYR C 179 -25.54 19.96 16.27
CA TYR C 179 -24.86 18.83 15.60
C TYR C 179 -25.72 18.21 14.47
N TYR C 180 -25.07 17.90 13.37
CA TYR C 180 -25.62 17.05 12.37
C TYR C 180 -25.68 15.63 12.90
N SER C 181 -26.63 14.88 12.38
CA SER C 181 -26.68 13.45 12.57
C SER C 181 -26.99 12.77 11.23
N THR C 182 -26.78 11.45 11.17
CA THR C 182 -27.06 10.66 9.96
C THR C 182 -28.49 10.95 9.38
N ALA C 183 -29.41 11.38 10.25
CA ALA C 183 -30.76 11.66 9.86
C ALA C 183 -30.86 12.72 8.74
N VAL C 184 -29.89 13.64 8.67
CA VAL C 184 -29.98 14.71 7.70
C VAL C 184 -29.92 14.09 6.31
N ASP C 185 -29.07 13.07 6.13
CA ASP C 185 -28.97 12.40 4.84
C ASP C 185 -30.23 11.66 4.43
N ILE C 186 -30.91 11.09 5.41
CA ILE C 186 -32.15 10.36 5.13
C ILE C 186 -33.27 11.34 4.77
N TRP C 187 -33.28 12.50 5.43
CA TRP C 187 -34.20 13.57 5.05
C TRP C 187 -34.06 13.92 3.58
N SER C 188 -32.81 14.12 3.12
CA SER C 188 -32.56 14.53 1.75
C SER C 188 -33.03 13.48 0.78
N LEU C 189 -32.72 12.24 1.08
CA LEU C 189 -33.13 11.12 0.25
C LEU C 189 -34.66 11.04 0.18
N GLY C 190 -35.32 11.30 1.30
CA GLY C 190 -36.77 11.35 1.28
C GLY C 190 -37.33 12.39 0.32
N CYS C 191 -36.72 13.58 0.34
CA CYS C 191 -37.08 14.64 -0.58
C CYS C 191 -36.87 14.23 -2.03
N ILE C 192 -35.80 13.50 -2.29
CA ILE C 192 -35.45 13.13 -3.67
C ILE C 192 -36.38 12.01 -4.18
N PHE C 193 -36.74 11.11 -3.27
CA PHE C 193 -37.74 10.09 -3.54
C PHE C 193 -39.06 10.77 -4.00
N ALA C 194 -39.56 11.68 -3.19
CA ALA C 194 -40.79 12.42 -3.52
C ALA C 194 -40.65 13.08 -4.88
N GLU C 195 -39.49 13.73 -5.10
CA GLU C 195 -39.22 14.43 -6.31
C GLU C 195 -39.24 13.51 -7.53
N MET C 196 -38.64 12.32 -7.44
CA MET C 196 -38.70 11.37 -8.55
C MET C 196 -40.14 11.03 -8.88
N VAL C 197 -40.97 10.96 -7.84
CA VAL C 197 -42.35 10.54 -8.03
C VAL C 197 -43.24 11.65 -8.61
N THR C 198 -43.22 12.85 -8.01
CA THR C 198 -44.14 13.92 -8.44
C THR C 198 -43.57 14.73 -9.60
N ARG C 199 -42.30 14.54 -9.89
CA ARG C 199 -41.66 15.28 -10.94
C ARG C 199 -41.30 16.75 -10.57
N ARG C 200 -41.42 17.12 -9.29
CA ARG C 200 -40.92 18.41 -8.86
C ARG C 200 -40.38 18.38 -7.44
N ALA C 201 -39.58 19.40 -7.12
CA ALA C 201 -38.95 19.51 -5.82
C ALA C 201 -40.06 19.54 -4.78
N LEU C 202 -39.89 18.78 -3.70
CA LEU C 202 -40.93 18.72 -2.69
C LEU C 202 -41.02 20.02 -1.86
N PHE C 203 -39.86 20.57 -1.51
CA PHE C 203 -39.81 21.78 -0.69
C PHE C 203 -38.84 22.81 -1.33
N PRO C 204 -39.29 23.52 -2.36
CA PRO C 204 -38.37 24.42 -3.03
C PRO C 204 -38.34 25.81 -2.35
N GLY C 205 -37.65 25.94 -1.23
CA GLY C 205 -37.56 27.20 -0.49
C GLY C 205 -36.45 28.14 -0.98
N ASP C 206 -36.67 29.45 -0.80
CA ASP C 206 -35.78 30.54 -1.26
C ASP C 206 -34.79 31.00 -0.18
N SER C 207 -35.13 30.74 1.08
CA SER C 207 -34.37 31.18 2.24
C SER C 207 -34.68 30.18 3.33
N GLU C 208 -34.03 30.33 4.48
CA GLU C 208 -34.21 29.41 5.60
C GLU C 208 -35.62 29.43 6.17
N ILE C 209 -36.20 30.63 6.30
CA ILE C 209 -37.58 30.75 6.80
C ILE C 209 -38.62 30.22 5.79
N ASP C 210 -38.38 30.47 4.52
CA ASP C 210 -39.23 29.98 3.42
CA ASP C 210 -39.26 29.98 3.47
C ASP C 210 -39.15 28.46 3.33
N GLN C 211 -37.94 27.93 3.49
CA GLN C 211 -37.75 26.50 3.51
C GLN C 211 -38.54 25.86 4.65
N LEU C 212 -38.43 26.41 5.86
CA LEU C 212 -39.17 25.88 7.00
C LEU C 212 -40.68 25.90 6.77
N PHE C 213 -41.19 26.99 6.20
CA PHE C 213 -42.64 27.16 6.00
C PHE C 213 -43.17 26.20 4.98
N ARG C 214 -42.38 25.93 3.94
CA ARG C 214 -42.70 24.89 2.99
C ARG C 214 -42.84 23.51 3.61
N ILE C 215 -41.90 23.15 4.49
CA ILE C 215 -42.00 21.91 5.25
C ILE C 215 -43.24 21.92 6.16
N PHE C 216 -43.42 23.03 6.90
CA PHE C 216 -44.55 23.21 7.80
C PHE C 216 -45.93 23.04 7.12
N ARG C 217 -46.10 23.60 5.94
CA ARG C 217 -47.41 23.54 5.31
C ARG C 217 -47.71 22.17 4.67
N THR C 218 -46.68 21.35 4.46
CA THR C 218 -46.85 20.02 3.93
C THR C 218 -46.98 18.98 5.04
N LEU C 219 -46.27 19.18 6.14
CA LEU C 219 -46.15 18.15 7.17
C LEU C 219 -46.79 18.59 8.48
N GLY C 220 -47.35 19.80 8.48
CA GLY C 220 -47.86 20.41 9.71
C GLY C 220 -46.74 21.04 10.53
N THR C 221 -47.10 22.00 11.35
CA THR C 221 -46.13 22.63 12.21
C THR C 221 -45.80 21.65 13.35
N PRO C 222 -44.50 21.36 13.54
CA PRO C 222 -44.16 20.44 14.61
C PRO C 222 -44.48 21.01 15.99
N ASP C 223 -44.94 20.15 16.89
CA ASP C 223 -45.13 20.50 18.28
C ASP C 223 -44.38 19.52 19.18
N GLU C 224 -44.48 19.72 20.49
CA GLU C 224 -43.78 18.92 21.49
C GLU C 224 -44.24 17.47 21.49
N VAL C 225 -45.45 17.21 21.02
CA VAL C 225 -45.94 15.83 20.95
C VAL C 225 -45.21 15.05 19.85
N VAL C 226 -45.16 15.62 18.66
CA VAL C 226 -44.45 14.97 17.55
C VAL C 226 -42.91 15.02 17.77
N TRP C 227 -42.42 16.08 18.37
CA TRP C 227 -40.99 16.31 18.43
C TRP C 227 -40.62 17.01 19.72
N PRO C 228 -40.30 16.23 20.77
CA PRO C 228 -39.95 16.77 22.07
C PRO C 228 -38.73 17.66 21.99
N GLY C 229 -38.87 18.87 22.58
CA GLY C 229 -37.82 19.87 22.58
C GLY C 229 -37.86 20.87 21.44
N VAL C 230 -38.77 20.69 20.49
CA VAL C 230 -38.76 21.51 19.26
C VAL C 230 -39.03 23.01 19.50
N THR C 231 -39.88 23.30 20.49
CA THR C 231 -40.20 24.69 20.83
C THR C 231 -39.05 25.35 21.65
N SER C 232 -38.06 24.56 22.06
CA SER C 232 -36.91 25.13 22.74
C SER C 232 -35.73 25.37 21.81
N MET C 233 -35.86 25.03 20.53
CA MET C 233 -34.70 25.13 19.61
C MET C 233 -34.38 26.59 19.24
N PRO C 234 -33.11 26.92 19.00
CA PRO C 234 -32.72 28.32 18.78
C PRO C 234 -33.55 29.09 17.77
N ASP C 235 -33.88 28.48 16.64
CA ASP C 235 -34.48 29.23 15.55
C ASP C 235 -35.95 28.94 15.43
N TYR C 236 -36.46 28.22 16.42
CA TYR C 236 -37.91 28.07 16.57
C TYR C 236 -38.53 29.36 17.13
N LYS C 237 -39.64 29.78 16.54
CA LYS C 237 -40.35 30.98 17.01
C LYS C 237 -41.81 30.66 17.40
N PRO C 238 -42.26 31.20 18.54
CA PRO C 238 -43.64 30.96 18.97
C PRO C 238 -44.65 31.70 18.10
N SER C 239 -44.16 32.63 17.27
CA SER C 239 -45.02 33.31 16.32
C SER C 239 -45.22 32.49 15.01
N PHE C 240 -44.56 31.33 14.91
CA PHE C 240 -44.78 30.40 13.82
C PHE C 240 -46.25 30.00 13.73
N PRO C 241 -46.77 29.92 12.51
CA PRO C 241 -48.16 29.49 12.36
C PRO C 241 -48.36 28.03 12.79
N LYS C 242 -49.56 27.70 13.22
CA LYS C 242 -49.87 26.37 13.70
C LYS C 242 -50.75 25.70 12.67
N TRP C 243 -50.09 24.98 11.74
CA TRP C 243 -50.78 24.35 10.63
C TRP C 243 -50.94 22.88 10.88
N ALA C 244 -52.18 22.41 10.70
CA ALA C 244 -52.53 21.02 10.88
C ALA C 244 -51.82 20.19 9.83
N ARG C 245 -51.47 18.97 10.19
CA ARG C 245 -50.80 18.07 9.28
C ARG C 245 -51.87 17.53 8.39
N GLN C 246 -51.76 17.80 7.10
CA GLN C 246 -52.67 17.24 6.12
C GLN C 246 -52.39 15.73 6.04
N ASP C 247 -53.35 14.94 5.60
CA ASP C 247 -53.11 13.52 5.44
C ASP C 247 -51.95 13.28 4.46
N PHE C 248 -51.03 12.39 4.86
CA PHE C 248 -49.77 12.16 4.12
C PHE C 248 -49.94 11.64 2.68
N SER C 249 -51.11 11.11 2.37
CA SER C 249 -51.44 10.68 1.00
C SER C 249 -51.71 11.84 0.04
N LYS C 250 -51.67 13.07 0.55
CA LYS C 250 -51.86 14.24 -0.30
C LYS C 250 -50.50 14.73 -0.91
N VAL C 251 -49.42 14.41 -0.22
CA VAL C 251 -48.09 14.89 -0.57
C VAL C 251 -47.59 14.25 -1.89
N VAL C 252 -47.80 12.95 -2.03
CA VAL C 252 -47.27 12.16 -3.14
C VAL C 252 -48.33 11.17 -3.64
N PRO C 253 -49.37 11.70 -4.30
CA PRO C 253 -50.53 10.91 -4.72
C PRO C 253 -50.24 9.61 -5.46
N PRO C 254 -49.30 9.61 -6.41
CA PRO C 254 -49.09 8.38 -7.16
C PRO C 254 -48.44 7.22 -6.38
N LEU C 255 -48.03 7.43 -5.13
CA LEU C 255 -47.31 6.39 -4.39
C LEU C 255 -48.28 5.39 -3.77
N ASP C 256 -47.93 4.12 -3.78
CA ASP C 256 -48.70 3.10 -3.08
C ASP C 256 -48.54 3.20 -1.57
N GLU C 257 -49.27 2.35 -0.84
CA GLU C 257 -49.26 2.38 0.60
C GLU C 257 -47.88 2.10 1.23
N ASP C 258 -47.16 1.09 0.74
CA ASP C 258 -45.80 0.84 1.25
C ASP C 258 -44.88 2.04 1.00
N GLY C 259 -44.93 2.58 -0.20
CA GLY C 259 -44.12 3.75 -0.54
C GLY C 259 -44.42 4.96 0.36
N ARG C 260 -45.70 5.19 0.65
CA ARG C 260 -46.11 6.32 1.48
C ARG C 260 -45.66 6.12 2.93
N SER C 261 -45.73 4.89 3.41
CA SER C 261 -45.25 4.55 4.73
C SER C 261 -43.73 4.75 4.89
N LEU C 262 -42.99 4.35 3.88
CA LEU C 262 -41.54 4.55 3.91
C LEU C 262 -41.22 6.05 3.91
N LEU C 263 -41.83 6.80 3.02
CA LEU C 263 -41.52 8.22 2.91
C LEU C 263 -41.85 8.97 4.15
N SER C 264 -42.96 8.60 4.80
CA SER C 264 -43.36 9.30 6.03
C SER C 264 -42.35 9.07 7.14
N GLN C 265 -41.76 7.88 7.15
CA GLN C 265 -40.72 7.53 8.11
C GLN C 265 -39.39 8.23 7.78
N MET C 266 -39.14 8.52 6.50
CA MET C 266 -37.95 9.29 6.07
C MET C 266 -38.11 10.80 6.29
N LEU C 267 -39.34 11.28 6.33
CA LEU C 267 -39.59 12.68 6.60
C LEU C 267 -40.17 12.92 7.99
N HIS C 268 -39.89 12.02 8.92
CA HIS C 268 -40.25 12.21 10.33
C HIS C 268 -39.47 13.40 10.90
N TYR C 269 -40.15 14.30 11.62
CA TYR C 269 -39.54 15.54 12.15
C TYR C 269 -38.37 15.28 13.14
N ASP C 270 -38.60 14.43 14.12
CA ASP C 270 -37.62 14.13 15.17
C ASP C 270 -36.52 13.27 14.56
N PRO C 271 -35.29 13.80 14.50
CA PRO C 271 -34.20 13.01 13.95
C PRO C 271 -33.87 11.73 14.74
N ASN C 272 -34.30 11.63 15.99
CA ASN C 272 -34.10 10.38 16.76
C ASN C 272 -35.04 9.25 16.35
N LYS C 273 -36.16 9.63 15.74
CA LYS C 273 -37.19 8.69 15.36
C LYS C 273 -37.21 8.43 13.86
N ARG C 274 -36.54 9.28 13.08
CA ARG C 274 -36.45 9.12 11.63
C ARG C 274 -35.72 7.81 11.29
N ILE C 275 -36.25 7.09 10.33
CA ILE C 275 -35.75 5.78 9.99
C ILE C 275 -34.28 5.92 9.53
N SER C 276 -33.45 4.96 9.94
CA SER C 276 -32.12 4.83 9.42
C SER C 276 -32.12 4.23 8.02
N ALA C 277 -30.98 4.34 7.35
CA ALA C 277 -30.82 3.75 6.04
C ALA C 277 -30.93 2.20 6.10
N LYS C 278 -30.34 1.65 7.15
CA LYS C 278 -30.34 0.21 7.38
C LYS C 278 -31.77 -0.30 7.55
N ALA C 279 -32.52 0.32 8.46
CA ALA C 279 -33.93 -0.03 8.66
C ALA C 279 -34.76 0.21 7.40
N ALA C 280 -34.48 1.28 6.66
CA ALA C 280 -35.22 1.53 5.43
C ALA C 280 -35.03 0.42 4.40
N LEU C 281 -33.86 -0.22 4.40
CA LEU C 281 -33.62 -1.31 3.47
C LEU C 281 -34.48 -2.55 3.76
N ALA C 282 -34.91 -2.68 5.02
CA ALA C 282 -35.75 -3.80 5.45
C ALA C 282 -37.23 -3.50 5.32
N HIS C 283 -37.57 -2.31 4.82
CA HIS C 283 -38.97 -1.91 4.68
C HIS C 283 -39.64 -2.72 3.56
N PRO C 284 -40.90 -3.14 3.79
CA PRO C 284 -41.66 -3.97 2.82
C PRO C 284 -41.70 -3.42 1.40
N PHE C 285 -41.54 -2.11 1.24
CA PHE C 285 -41.50 -1.47 -0.08
C PHE C 285 -40.45 -2.15 -1.00
N PHE C 286 -39.34 -2.57 -0.42
CA PHE C 286 -38.25 -3.13 -1.23
C PHE C 286 -38.28 -4.65 -1.40
N GLN C 287 -39.35 -5.32 -0.95
CA GLN C 287 -39.46 -6.77 -1.03
C GLN C 287 -39.56 -7.20 -2.49
N ASP C 288 -40.14 -6.37 -3.35
CA ASP C 288 -40.23 -6.77 -4.75
C ASP C 288 -39.40 -5.89 -5.66
N VAL C 289 -38.28 -5.38 -5.16
CA VAL C 289 -37.41 -4.54 -5.95
C VAL C 289 -36.77 -5.30 -7.13
N THR C 290 -36.78 -4.66 -8.30
CA THR C 290 -36.18 -5.20 -9.50
C THR C 290 -35.09 -4.27 -10.03
N LYS C 291 -34.59 -4.54 -11.23
CA LYS C 291 -33.43 -3.79 -11.75
C LYS C 291 -33.68 -3.37 -13.21
N PRO C 292 -34.61 -2.42 -13.40
CA PRO C 292 -34.84 -1.92 -14.73
C PRO C 292 -33.71 -0.99 -15.16
N VAL C 293 -33.64 -0.72 -16.47
CA VAL C 293 -32.62 0.19 -17.03
C VAL C 293 -33.31 1.47 -17.55
N PRO C 294 -32.67 2.63 -17.36
CA PRO C 294 -33.22 3.89 -17.84
C PRO C 294 -33.10 4.09 -19.35
N HIS C 295 -34.02 4.86 -19.91
CA HIS C 295 -33.91 5.35 -21.27
C HIS C 295 -33.15 6.69 -21.26
N LEU C 296 -31.87 6.64 -21.64
CA LEU C 296 -31.02 7.85 -21.68
C LEU C 296 -30.95 8.41 -23.10
N ARG C 297 -31.04 9.73 -23.23
N VAL D 3 -28.57 4.82 20.77
CA VAL D 3 -27.59 3.88 20.14
C VAL D 3 -28.11 3.40 18.75
N PRO D 4 -27.71 4.10 17.68
CA PRO D 4 -28.10 3.78 16.30
C PRO D 4 -27.66 2.38 15.85
N ASP D 5 -28.24 1.90 14.75
CA ASP D 5 -27.92 0.56 14.24
C ASP D 5 -26.59 0.51 13.46
N TYR D 6 -25.80 1.58 13.58
CA TYR D 6 -24.47 1.63 12.95
C TYR D 6 -23.35 1.88 13.99
N HIS D 7 -23.71 2.06 15.26
CA HIS D 7 -22.74 2.49 16.26
C HIS D 7 -21.68 1.42 16.55
N GLU D 8 -22.12 0.16 16.67
CA GLU D 8 -21.23 -0.99 16.74
C GLU D 8 -20.37 -1.11 15.48
N ASP D 9 -20.98 -0.90 14.31
CA ASP D 9 -20.23 -0.91 13.03
C ASP D 9 -19.09 0.12 13.06
N ILE D 10 -19.42 1.35 13.43
CA ILE D 10 -18.43 2.43 13.54
C ILE D 10 -17.30 2.07 14.53
N HIS D 11 -17.66 1.62 15.73
CA HIS D 11 -16.66 1.23 16.71
C HIS D 11 -15.74 0.18 16.13
N THR D 12 -16.32 -0.81 15.45
CA THR D 12 -15.52 -1.84 14.83
C THR D 12 -14.66 -1.32 13.67
N TYR D 13 -15.21 -0.42 12.87
CA TYR D 13 -14.44 0.14 11.77
C TYR D 13 -13.31 1.02 12.30
N LEU D 14 -13.59 1.83 13.32
CA LEU D 14 -12.53 2.60 13.96
C LEU D 14 -11.41 1.75 14.55
N ARG D 15 -11.77 0.58 15.08
CA ARG D 15 -10.79 -0.37 15.60
C ARG D 15 -9.90 -0.93 14.47
N GLU D 16 -10.47 -1.19 13.31
CA GLU D 16 -9.63 -1.51 12.14
C GLU D 16 -8.71 -0.39 11.73
N MET D 17 -9.29 0.80 11.57
CA MET D 17 -8.53 1.92 11.00
C MET D 17 -7.43 2.44 11.89
N GLU D 18 -7.59 2.32 13.21
CA GLU D 18 -6.55 2.80 14.13
C GLU D 18 -5.29 1.96 13.98
N VAL D 19 -5.44 0.69 13.59
CA VAL D 19 -4.25 -0.11 13.23
C VAL D 19 -3.58 0.35 11.93
N LYS D 20 -4.37 0.72 10.93
CA LYS D 20 -3.82 1.17 9.66
C LYS D 20 -3.20 2.56 9.74
N CYS D 21 -3.67 3.39 10.68
CA CYS D 21 -3.12 4.75 10.90
C CYS D 21 -2.13 4.86 12.07
N LYS D 22 -1.60 3.73 12.53
CA LYS D 22 -0.66 3.73 13.66
C LYS D 22 0.73 4.18 13.22
N PRO D 23 1.30 5.17 13.91
CA PRO D 23 2.72 5.48 13.79
C PRO D 23 3.61 4.29 14.12
N LYS D 24 4.83 4.28 13.57
CA LYS D 24 5.84 3.28 13.86
C LYS D 24 6.38 3.53 15.27
N VAL D 25 6.40 2.52 16.12
CA VAL D 25 6.71 2.75 17.54
C VAL D 25 8.15 3.20 17.74
N GLY D 26 9.04 2.72 16.91
CA GLY D 26 10.45 2.99 17.17
C GLY D 26 11.04 4.02 16.24
N TYR D 27 10.27 5.07 15.86
CA TYR D 27 10.69 5.95 14.76
C TYR D 27 11.72 6.98 15.19
N MET D 28 11.60 7.48 16.41
CA MET D 28 12.45 8.56 16.88
C MET D 28 13.91 8.14 17.16
N LYS D 29 14.14 6.87 17.50
CA LYS D 29 15.49 6.36 17.62
C LYS D 29 16.17 6.28 16.22
N LYS D 30 15.37 6.19 15.17
CA LYS D 30 15.87 6.24 13.79
C LYS D 30 15.90 7.66 13.20
N GLN D 31 15.50 8.68 13.97
CA GLN D 31 15.63 10.08 13.54
C GLN D 31 16.97 10.62 14.03
N PRO D 32 17.93 10.86 13.11
CA PRO D 32 19.25 11.32 13.54
C PRO D 32 19.31 12.67 14.28
N ASP D 33 18.44 13.62 13.96
CA ASP D 33 18.61 15.01 14.41
C ASP D 33 17.48 15.52 15.35
N ILE D 34 16.45 14.73 15.55
CA ILE D 34 15.36 15.17 16.40
C ILE D 34 15.07 14.14 17.49
N THR D 35 14.37 14.62 18.52
CA THR D 35 14.20 13.91 19.79
C THR D 35 12.76 13.95 20.26
N ASN D 36 12.44 13.01 21.14
CA ASN D 36 11.15 12.99 21.81
C ASN D 36 10.85 14.30 22.48
N SER D 37 11.88 14.94 23.00
CA SER D 37 11.72 16.21 23.70
C SER D 37 11.41 17.36 22.76
N MET D 38 12.06 17.38 21.60
CA MET D 38 11.65 18.30 20.54
C MET D 38 10.19 18.08 20.14
N ARG D 39 9.78 16.82 19.98
CA ARG D 39 8.40 16.50 19.69
C ARG D 39 7.42 17.01 20.79
N ALA D 40 7.79 16.80 22.06
CA ALA D 40 7.07 17.34 23.22
C ALA D 40 6.82 18.85 23.12
N ILE D 41 7.87 19.57 22.79
CA ILE D 41 7.81 21.03 22.70
C ILE D 41 6.91 21.47 21.54
N LEU D 42 7.01 20.74 20.43
CA LEU D 42 6.20 20.99 19.23
C LEU D 42 4.72 20.75 19.49
N VAL D 43 4.38 19.58 20.04
CA VAL D 43 2.97 19.32 20.32
C VAL D 43 2.42 20.38 21.28
N ASP D 44 3.21 20.73 22.29
CA ASP D 44 2.75 21.65 23.32
C ASP D 44 2.50 23.05 22.76
N TRP D 45 3.33 23.47 21.79
CA TRP D 45 3.08 24.71 21.03
C TRP D 45 1.79 24.61 20.19
N LEU D 46 1.56 23.45 19.59
CA LEU D 46 0.33 23.26 18.81
C LEU D 46 -0.90 23.33 19.70
N VAL D 47 -0.80 22.86 20.93
CA VAL D 47 -1.89 23.04 21.90
C VAL D 47 -2.23 24.56 22.05
N GLU D 48 -1.22 25.42 22.17
CA GLU D 48 -1.44 26.88 22.35
C GLU D 48 -2.01 27.52 21.11
N VAL D 49 -1.49 27.12 19.95
CA VAL D 49 -2.02 27.56 18.68
C VAL D 49 -3.51 27.24 18.58
N GLY D 50 -3.88 26.02 18.97
CA GLY D 50 -5.27 25.61 19.02
C GLY D 50 -6.15 26.51 19.89
N GLU D 51 -5.64 26.88 21.06
CA GLU D 51 -6.34 27.82 21.96
C GLU D 51 -6.41 29.21 21.38
N GLU D 52 -5.33 29.66 20.78
CA GLU D 52 -5.29 31.01 20.16
C GLU D 52 -6.28 31.16 18.98
N TYR D 53 -6.44 30.12 18.17
CA TYR D 53 -7.38 30.20 17.05
C TYR D 53 -8.71 29.52 17.34
N LYS D 54 -8.96 29.16 18.58
CA LYS D 54 -10.22 28.52 18.97
C LYS D 54 -10.52 27.28 18.09
N LEU D 55 -9.53 26.41 17.92
CA LEU D 55 -9.70 25.21 17.11
C LEU D 55 -10.23 24.10 17.98
N GLN D 56 -10.90 23.14 17.36
CA GLN D 56 -11.43 21.96 18.06
C GLN D 56 -10.35 21.06 18.60
N ASN D 57 -10.64 20.31 19.65
CA ASN D 57 -9.66 19.42 20.19
C ASN D 57 -9.29 18.29 19.21
N GLU D 58 -10.24 17.89 18.37
CA GLU D 58 -10.03 16.81 17.42
C GLU D 58 -8.98 17.18 16.35
N THR D 59 -8.97 18.45 15.96
CA THR D 59 -7.99 19.02 15.05
C THR D 59 -6.56 18.85 15.57
N LEU D 60 -6.39 19.06 16.88
CA LEU D 60 -5.10 18.83 17.54
C LEU D 60 -4.67 17.36 17.45
N HIS D 61 -5.62 16.49 17.76
CA HIS D 61 -5.33 15.08 17.78
C HIS D 61 -4.89 14.59 16.43
N LEU D 62 -5.59 15.05 15.39
CA LEU D 62 -5.30 14.65 14.00
C LEU D 62 -3.95 15.15 13.61
N ALA D 63 -3.63 16.39 13.95
CA ALA D 63 -2.32 17.00 13.58
C ALA D 63 -1.20 16.14 14.13
N VAL D 64 -1.35 15.69 15.36
CA VAL D 64 -0.32 14.91 15.98
C VAL D 64 -0.16 13.52 15.31
N ASN D 65 -1.28 12.89 15.00
CA ASN D 65 -1.23 11.64 14.21
C ASN D 65 -0.53 11.84 12.85
N TYR D 66 -0.85 12.92 12.16
CA TYR D 66 -0.17 13.21 10.89
C TYR D 66 1.36 13.35 11.09
N ILE D 67 1.78 14.11 12.10
CA ILE D 67 3.18 14.35 12.37
C ILE D 67 3.92 13.02 12.63
N ASP D 68 3.39 12.22 13.55
CA ASP D 68 4.00 10.95 13.91
C ASP D 68 4.09 9.98 12.73
N ARG D 69 3.04 9.93 11.92
CA ARG D 69 3.07 9.12 10.72
C ARG D 69 4.10 9.65 9.71
N PHE D 70 4.19 10.96 9.59
CA PHE D 70 5.11 11.54 8.62
C PHE D 70 6.53 11.22 9.02
N LEU D 71 6.81 11.40 10.32
CA LEU D 71 8.13 11.15 10.87
C LEU D 71 8.48 9.66 11.00
N SER D 72 7.51 8.78 10.79
CA SER D 72 7.77 7.35 10.73
C SER D 72 8.47 6.93 9.43
N SER D 73 8.40 7.74 8.40
CA SER D 73 9.07 7.39 7.17
C SER D 73 9.99 8.44 6.59
N MET D 74 9.97 9.66 7.15
CA MET D 74 10.79 10.74 6.61
C MET D 74 11.70 11.29 7.70
N SER D 75 13.01 11.32 7.40
CA SER D 75 13.99 12.01 8.26
C SER D 75 13.88 13.52 8.09
N VAL D 76 13.84 14.21 9.21
CA VAL D 76 13.63 15.62 9.24
C VAL D 76 14.65 16.28 10.19
N LEU D 77 15.22 17.38 9.72
CA LEU D 77 16.18 18.10 10.48
C LEU D 77 15.45 18.98 11.49
N ARG D 78 16.13 19.31 12.59
CA ARG D 78 15.50 20.06 13.66
C ARG D 78 14.93 21.41 13.19
N GLY D 79 15.59 22.08 12.24
CA GLY D 79 15.08 23.37 11.75
C GLY D 79 13.84 23.29 10.86
N LYS D 80 13.45 22.06 10.49
CA LYS D 80 12.25 21.84 9.67
C LYS D 80 11.12 21.15 10.44
N LEU D 81 11.38 20.70 11.65
CA LEU D 81 10.35 20.03 12.45
C LEU D 81 9.08 20.91 12.63
N GLN D 82 9.27 22.21 12.87
CA GLN D 82 8.16 23.13 13.03
C GLN D 82 7.41 23.32 11.73
N LEU D 83 8.06 23.18 10.61
CA LEU D 83 7.39 23.23 9.33
C LEU D 83 6.46 22.03 9.12
N VAL D 84 6.96 20.86 9.46
CA VAL D 84 6.12 19.67 9.44
C VAL D 84 4.88 19.90 10.35
N GLY D 85 5.12 20.38 11.56
CA GLY D 85 4.05 20.69 12.51
C GLY D 85 3.00 21.67 12.04
N THR D 86 3.44 22.76 11.40
CA THR D 86 2.52 23.80 10.90
C THR D 86 1.63 23.27 9.76
N ALA D 87 2.26 22.59 8.81
CA ALA D 87 1.55 21.99 7.69
C ALA D 87 0.52 20.94 8.17
N ALA D 88 0.93 20.14 9.17
CA ALA D 88 0.06 19.11 9.73
C ALA D 88 -1.21 19.73 10.38
N MET D 89 -1.02 20.85 11.06
CA MET D 89 -2.10 21.59 11.74
C MET D 89 -3.00 22.28 10.73
N LEU D 90 -2.40 22.81 9.67
CA LEU D 90 -3.14 23.27 8.51
C LEU D 90 -4.06 22.19 7.93
N LEU D 91 -3.49 21.01 7.60
CA LEU D 91 -4.27 19.92 7.01
C LEU D 91 -5.37 19.44 7.96
N ALA D 92 -5.05 19.31 9.26
CA ALA D 92 -6.04 18.90 10.25
C ALA D 92 -7.21 19.90 10.33
N SER D 93 -6.88 21.20 10.22
CA SER D 93 -7.86 22.30 10.29
C SER D 93 -8.76 22.24 9.05
N LYS D 94 -8.17 21.95 7.90
CA LYS D 94 -8.93 21.83 6.69
C LYS D 94 -9.86 20.62 6.74
N PHE D 95 -9.38 19.52 7.32
CA PHE D 95 -10.18 18.30 7.44
C PHE D 95 -11.33 18.48 8.41
N GLU D 96 -11.10 19.20 9.51
CA GLU D 96 -12.01 19.16 10.68
C GLU D 96 -12.79 20.44 11.02
N GLU D 97 -12.26 21.61 10.69
CA GLU D 97 -12.89 22.86 11.00
C GLU D 97 -13.86 23.30 9.90
N ILE D 98 -14.90 24.03 10.31
CA ILE D 98 -15.88 24.61 9.39
C ILE D 98 -15.18 25.68 8.56
N TYR D 99 -14.49 26.58 9.25
CA TYR D 99 -13.72 27.68 8.64
C TYR D 99 -12.30 27.69 9.20
N PRO D 100 -11.38 27.03 8.50
CA PRO D 100 -10.02 26.98 8.98
C PRO D 100 -9.31 28.34 8.86
N PRO D 101 -8.31 28.60 9.74
CA PRO D 101 -7.53 29.83 9.59
C PRO D 101 -6.83 29.79 8.26
N GLU D 102 -6.62 30.96 7.65
CA GLU D 102 -5.94 31.07 6.36
C GLU D 102 -4.48 30.72 6.45
N VAL D 103 -3.91 30.34 5.31
CA VAL D 103 -2.49 29.94 5.27
C VAL D 103 -1.54 31.01 5.84
N ALA D 104 -1.88 32.28 5.66
CA ALA D 104 -1.11 33.42 6.26
C ALA D 104 -1.00 33.32 7.76
N GLU D 105 -2.03 32.83 8.41
CA GLU D 105 -1.97 32.65 9.87
C GLU D 105 -0.97 31.57 10.26
N PHE D 106 -0.94 30.49 9.47
CA PHE D 106 -0.02 29.40 9.75
C PHE D 106 1.43 29.82 9.53
N VAL D 107 1.65 30.77 8.62
CA VAL D 107 2.95 31.44 8.51
C VAL D 107 3.20 32.32 9.73
N TYR D 108 2.23 33.17 10.08
CA TYR D 108 2.39 34.14 11.17
C TYR D 108 2.68 33.48 12.51
N ILE D 109 2.04 32.36 12.82
CA ILE D 109 2.29 31.67 14.09
C ILE D 109 3.70 31.16 14.28
N THR D 110 4.48 31.05 13.22
CA THR D 110 5.87 30.59 13.33
C THR D 110 6.85 31.76 13.44
N ASP D 111 6.32 32.98 13.44
CA ASP D 111 7.14 34.19 13.42
C ASP D 111 7.97 34.29 12.14
N ASP D 112 7.31 34.00 11.02
CA ASP D 112 7.94 34.06 9.71
C ASP D 112 9.23 33.24 9.61
N THR D 113 9.31 32.14 10.34
CA THR D 113 10.42 31.21 10.17
C THR D 113 10.37 30.63 8.78
N TYR D 114 9.16 30.45 8.25
CA TYR D 114 8.98 29.86 6.91
C TYR D 114 8.09 30.74 6.09
N THR D 115 8.25 30.67 4.77
CA THR D 115 7.41 31.41 3.86
C THR D 115 6.13 30.64 3.58
N LYS D 116 5.17 31.32 2.98
CA LYS D 116 3.93 30.71 2.56
C LYS D 116 4.19 29.60 1.55
N LYS D 117 5.12 29.82 0.65
CA LYS D 117 5.45 28.79 -0.35
C LYS D 117 5.91 27.51 0.36
N GLN D 118 6.72 27.65 1.39
CA GLN D 118 7.20 26.49 2.12
C GLN D 118 6.07 25.76 2.83
N VAL D 119 5.18 26.50 3.50
CA VAL D 119 4.06 25.87 4.18
C VAL D 119 3.26 25.08 3.15
N LEU D 120 3.02 25.66 1.99
CA LEU D 120 2.17 25.02 0.98
C LEU D 120 2.83 23.79 0.33
N ARG D 121 4.15 23.85 0.14
CA ARG D 121 4.92 22.73 -0.36
C ARG D 121 4.98 21.59 0.65
N MET D 122 5.15 21.91 1.93
CA MET D 122 5.08 20.89 2.96
C MET D 122 3.71 20.21 3.04
N GLU D 123 2.62 20.98 2.97
CA GLU D 123 1.27 20.42 2.94
C GLU D 123 1.19 19.34 1.86
N HIS D 124 1.68 19.68 0.68
CA HIS D 124 1.71 18.75 -0.42
C HIS D 124 2.58 17.50 -0.13
N LEU D 125 3.74 17.70 0.46
CA LEU D 125 4.59 16.56 0.78
C LEU D 125 3.93 15.66 1.83
N VAL D 126 3.33 16.27 2.85
CA VAL D 126 2.63 15.50 3.86
C VAL D 126 1.46 14.68 3.29
N LEU D 127 0.65 15.27 2.42
CA LEU D 127 -0.42 14.52 1.72
C LEU D 127 0.12 13.31 0.98
N LYS D 128 1.23 13.50 0.28
CA LYS D 128 1.87 12.42 -0.48
C LYS D 128 2.30 11.30 0.45
N VAL D 129 3.04 11.62 1.50
CA VAL D 129 3.52 10.63 2.44
C VAL D 129 2.39 9.87 3.16
N LEU D 130 1.34 10.57 3.57
CA LEU D 130 0.19 9.96 4.20
C LEU D 130 -0.76 9.32 3.21
N THR D 131 -0.45 9.42 1.92
CA THR D 131 -1.33 8.99 0.84
C THR D 131 -2.81 9.43 1.01
N PHE D 132 -2.98 10.69 1.44
CA PHE D 132 -4.29 11.32 1.62
C PHE D 132 -5.15 10.61 2.66
N ASP D 133 -4.56 9.74 3.47
CA ASP D 133 -5.36 9.03 4.48
C ASP D 133 -5.42 9.88 5.75
N LEU D 134 -6.33 10.84 5.72
CA LEU D 134 -6.40 11.82 6.78
C LEU D 134 -7.47 11.51 7.85
N ALA D 135 -8.41 10.59 7.57
CA ALA D 135 -9.50 10.30 8.51
C ALA D 135 -9.08 9.31 9.60
N ALA D 136 -8.08 9.70 10.41
CA ALA D 136 -7.46 8.80 11.40
C ALA D 136 -8.29 8.74 12.70
N PRO D 137 -8.53 7.54 13.25
CA PRO D 137 -9.16 7.48 14.56
C PRO D 137 -8.28 8.09 15.67
N THR D 138 -8.89 8.82 16.60
CA THR D 138 -8.14 9.51 17.66
C THR D 138 -8.63 9.03 19.02
N VAL D 139 -7.85 9.29 20.07
CA VAL D 139 -8.26 9.05 21.44
C VAL D 139 -9.60 9.76 21.66
N ASN D 140 -9.66 10.97 21.12
CA ASN D 140 -10.82 11.83 21.26
C ASN D 140 -12.10 11.17 20.75
N GLN D 141 -11.96 10.44 19.64
CA GLN D 141 -13.08 9.71 19.06
C GLN D 141 -13.49 8.51 19.91
N PHE D 142 -12.54 7.77 20.46
CA PHE D 142 -12.90 6.61 21.27
C PHE D 142 -13.53 7.04 22.60
N LEU D 143 -13.06 8.16 23.15
CA LEU D 143 -13.64 8.69 24.39
C LEU D 143 -15.09 9.11 24.21
N THR D 144 -15.36 9.81 23.11
CA THR D 144 -16.72 10.26 22.81
C THR D 144 -17.69 9.06 22.79
N GLN D 145 -17.23 7.94 22.26
CA GLN D 145 -18.01 6.71 22.26
C GLN D 145 -18.11 6.05 23.64
N TYR D 146 -16.98 6.01 24.34
CA TYR D 146 -16.97 5.45 25.68
C TYR D 146 -17.91 6.23 26.60
N PHE D 147 -18.06 7.55 26.34
CA PHE D 147 -18.85 8.41 27.21
C PHE D 147 -20.34 7.99 27.29
N LEU D 148 -20.85 7.38 26.20
CA LEU D 148 -22.22 6.89 26.18
C LEU D 148 -22.47 5.81 27.24
N HIS D 149 -21.41 5.24 27.79
CA HIS D 149 -21.52 4.13 28.72
C HIS D 149 -21.31 4.60 30.16
N GLN D 150 -21.56 5.88 30.40
CA GLN D 150 -21.56 6.44 31.75
C GLN D 150 -22.90 6.16 32.42
N GLN D 151 -22.86 5.93 33.74
CA GLN D 151 -24.08 5.84 34.54
C GLN D 151 -23.92 6.56 35.89
N PRO D 152 -24.35 7.84 35.97
CA PRO D 152 -24.83 8.68 34.87
C PRO D 152 -23.68 9.49 34.27
N ALA D 153 -24.00 10.34 33.30
CA ALA D 153 -22.98 11.20 32.70
C ALA D 153 -22.51 12.25 33.71
N ASN D 154 -21.21 12.48 33.73
CA ASN D 154 -20.59 13.40 34.66
C ASN D 154 -19.60 14.30 33.89
N CYS D 155 -19.83 15.59 33.91
CA CYS D 155 -19.03 16.55 33.15
C CYS D 155 -17.57 16.57 33.53
N LYS D 156 -17.30 16.42 34.84
CA LYS D 156 -15.94 16.39 35.35
C LYS D 156 -15.22 15.16 34.83
N VAL D 157 -15.93 14.05 34.81
CA VAL D 157 -15.38 12.80 34.33
C VAL D 157 -15.00 12.93 32.85
N GLU D 158 -15.88 13.51 32.07
CA GLU D 158 -15.62 13.61 30.65
C GLU D 158 -14.46 14.54 30.39
N SER D 159 -14.48 15.70 31.05
CA SER D 159 -13.42 16.69 30.89
C SER D 159 -12.07 16.15 31.34
N LEU D 160 -12.06 15.36 32.41
CA LEU D 160 -10.80 14.83 32.97
C LEU D 160 -10.24 13.76 32.05
N ALA D 161 -11.13 12.95 31.49
CA ALA D 161 -10.72 11.90 30.57
C ALA D 161 -10.05 12.54 29.33
N MET D 162 -10.71 13.54 28.75
CA MET D 162 -10.12 14.33 27.65
C MET D 162 -8.76 14.91 28.00
N PHE D 163 -8.65 15.48 29.19
CA PHE D 163 -7.44 16.13 29.65
C PHE D 163 -6.30 15.12 29.66
N LEU D 164 -6.58 13.95 30.21
CA LEU D 164 -5.57 12.89 30.30
C LEU D 164 -5.28 12.34 28.94
N GLY D 165 -6.28 12.32 28.07
CA GLY D 165 -6.08 11.94 26.68
C GLY D 165 -5.13 12.88 25.95
N GLU D 166 -5.33 14.19 26.13
CA GLU D 166 -4.42 15.20 25.58
C GLU D 166 -2.99 15.09 26.14
N LEU D 167 -2.85 14.83 27.45
CA LEU D 167 -1.53 14.71 28.05
C LEU D 167 -0.69 13.65 27.34
N SER D 168 -1.34 12.56 26.89
CA SER D 168 -0.63 11.46 26.25
C SER D 168 -0.02 11.87 24.90
N LEU D 169 -0.59 12.89 24.29
CA LEU D 169 -0.06 13.40 23.04
C LEU D 169 1.34 13.98 23.14
N ILE D 170 1.73 14.40 24.34
CA ILE D 170 2.97 15.14 24.50
C ILE D 170 4.20 14.18 24.52
N ASP D 171 4.02 12.99 25.07
CA ASP D 171 5.13 12.08 25.36
C ASP D 171 5.09 10.81 24.51
N ALA D 172 5.84 10.80 23.40
CA ALA D 172 5.87 9.66 22.49
C ALA D 172 6.43 8.42 23.18
N ASP D 173 7.36 8.70 24.06
CA ASP D 173 8.33 7.76 24.56
C ASP D 173 7.77 6.61 25.36
N PRO D 174 6.62 6.82 26.06
CA PRO D 174 5.74 5.70 26.30
C PRO D 174 4.55 5.60 25.35
N TYR D 175 3.90 6.72 25.00
CA TYR D 175 2.50 6.62 24.52
C TYR D 175 2.32 6.14 23.07
N LEU D 176 3.35 6.25 22.23
CA LEU D 176 3.32 5.57 20.92
C LEU D 176 3.19 4.06 21.01
N LYS D 177 3.43 3.44 22.17
CA LYS D 177 3.24 1.98 22.31
C LYS D 177 1.79 1.53 22.32
N TYR D 178 0.85 2.45 22.53
CA TYR D 178 -0.57 2.08 22.70
C TYR D 178 -1.43 2.60 21.56
N LEU D 179 -2.47 1.86 21.23
CA LEU D 179 -3.47 2.32 20.27
C LEU D 179 -4.38 3.38 20.92
N PRO D 180 -4.98 4.26 20.10
CA PRO D 180 -5.88 5.28 20.67
C PRO D 180 -6.99 4.72 21.56
N SER D 181 -7.54 3.56 21.18
CA SER D 181 -8.65 2.96 21.93
C SER D 181 -8.22 2.52 23.34
N VAL D 182 -6.94 2.20 23.49
CA VAL D 182 -6.41 1.70 24.76
C VAL D 182 -6.13 2.89 25.66
N ILE D 183 -5.57 3.96 25.09
CA ILE D 183 -5.33 5.17 25.82
C ILE D 183 -6.66 5.74 26.29
N ALA D 184 -7.66 5.67 25.43
CA ALA D 184 -8.97 6.19 25.75
C ALA D 184 -9.59 5.37 26.88
N GLY D 185 -9.32 4.07 26.88
CA GLY D 185 -9.82 3.20 27.95
C GLY D 185 -9.16 3.53 29.29
N ALA D 186 -7.86 3.79 29.24
CA ALA D 186 -7.09 4.14 30.44
C ALA D 186 -7.53 5.50 30.99
N ALA D 187 -7.76 6.47 30.09
CA ALA D 187 -8.12 7.81 30.50
C ALA D 187 -9.52 7.82 31.12
N PHE D 188 -10.43 7.06 30.51
CA PHE D 188 -11.80 6.99 30.98
C PHE D 188 -11.87 6.37 32.36
N HIS D 189 -11.22 5.23 32.56
CA HIS D 189 -11.22 4.58 33.87
C HIS D 189 -10.56 5.45 34.95
N LEU D 190 -9.42 6.04 34.61
CA LEU D 190 -8.73 6.93 35.56
C LEU D 190 -9.59 8.15 35.95
N ALA D 191 -10.39 8.65 35.00
CA ALA D 191 -11.23 9.81 35.29
C ALA D 191 -12.44 9.39 36.15
N LEU D 192 -12.99 8.21 35.84
CA LEU D 192 -14.09 7.60 36.61
C LEU D 192 -13.70 7.39 38.07
N TYR D 193 -12.53 6.76 38.24
CA TYR D 193 -11.97 6.47 39.55
C TYR D 193 -11.66 7.73 40.35
N THR D 194 -11.05 8.72 39.73
CA THR D 194 -10.70 9.96 40.41
C THR D 194 -11.96 10.71 40.92
N VAL D 195 -12.97 10.83 40.06
CA VAL D 195 -14.08 11.73 40.34
C VAL D 195 -15.15 11.01 41.18
N THR D 196 -15.58 9.82 40.74
CA THR D 196 -16.69 9.13 41.38
C THR D 196 -16.30 7.87 42.13
N GLY D 197 -15.09 7.37 41.90
CA GLY D 197 -14.65 6.12 42.51
C GLY D 197 -15.04 4.87 41.74
N GLN D 198 -15.78 5.07 40.64
CA GLN D 198 -16.18 3.96 39.77
C GLN D 198 -15.02 3.44 38.93
N SER D 199 -15.29 2.44 38.11
CA SER D 199 -14.29 1.75 37.30
C SER D 199 -14.78 1.47 35.87
N TRP D 200 -13.82 1.13 35.01
CA TRP D 200 -14.07 0.72 33.62
C TRP D 200 -15.31 -0.20 33.58
N PRO D 201 -16.41 0.26 32.96
CA PRO D 201 -17.71 -0.42 33.01
C PRO D 201 -17.76 -1.76 32.27
N GLU D 202 -18.56 -2.68 32.77
CA GLU D 202 -18.63 -4.04 32.23
C GLU D 202 -19.15 -4.01 30.78
N SER D 203 -20.00 -3.03 30.49
CA SER D 203 -20.55 -2.88 29.15
C SER D 203 -19.47 -2.51 28.12
N LEU D 204 -18.40 -1.85 28.57
CA LEU D 204 -17.31 -1.47 27.68
C LEU D 204 -16.30 -2.59 27.57
N ILE D 205 -16.17 -3.35 28.67
CA ILE D 205 -15.37 -4.60 28.65
C ILE D 205 -15.87 -5.54 27.53
N ARG D 206 -17.17 -5.68 27.38
CA ARG D 206 -17.73 -6.56 26.36
C ARG D 206 -17.60 -5.94 24.97
N LYS D 207 -17.99 -4.67 24.86
CA LYS D 207 -17.93 -3.95 23.60
C LYS D 207 -16.51 -3.97 23.03
N THR D 208 -15.53 -3.59 23.84
CA THR D 208 -14.17 -3.36 23.36
C THR D 208 -13.37 -4.63 23.42
N GLY D 209 -13.75 -5.51 24.34
CA GLY D 209 -12.98 -6.73 24.63
C GLY D 209 -11.73 -6.43 25.46
N TYR D 210 -11.67 -5.23 26.06
CA TYR D 210 -10.56 -4.85 26.95
C TYR D 210 -11.00 -5.03 28.41
N THR D 211 -10.39 -6.01 29.09
CA THR D 211 -10.53 -6.17 30.56
C THR D 211 -9.80 -5.02 31.21
N LEU D 212 -10.19 -4.70 32.44
CA LEU D 212 -9.44 -3.72 33.24
C LEU D 212 -8.00 -4.15 33.33
N GLU D 213 -7.80 -5.45 33.45
CA GLU D 213 -6.45 -6.00 33.50
C GLU D 213 -5.67 -5.74 32.22
N SER D 214 -6.32 -5.81 31.06
CA SER D 214 -5.63 -5.48 29.80
C SER D 214 -5.15 -4.03 29.73
N LEU D 215 -5.83 -3.14 30.45
CA LEU D 215 -5.51 -1.70 30.44
C LEU D 215 -4.40 -1.30 31.42
N LYS D 216 -3.95 -2.22 32.25
CA LYS D 216 -3.06 -1.88 33.38
C LYS D 216 -1.73 -1.27 32.96
N PRO D 217 -1.04 -1.89 31.99
CA PRO D 217 0.18 -1.25 31.50
C PRO D 217 -0.04 0.19 31.06
N CYS D 218 -1.07 0.43 30.25
CA CYS D 218 -1.36 1.81 29.83
C CYS D 218 -1.73 2.66 31.03
N LEU D 219 -2.46 2.04 31.93
CA LEU D 219 -2.99 2.73 33.10
C LEU D 219 -1.90 3.17 34.08
N MET D 220 -0.87 2.35 34.20
CA MET D 220 0.26 2.65 35.08
C MET D 220 1.02 3.86 34.57
N ASP D 221 1.29 3.89 33.29
CA ASP D 221 1.99 5.03 32.70
C ASP D 221 1.21 6.33 32.82
N LEU D 222 -0.07 6.26 32.46
CA LEU D 222 -0.95 7.41 32.50
C LEU D 222 -1.13 7.99 33.92
N HIS D 223 -1.18 7.12 34.93
CA HIS D 223 -1.28 7.57 36.33
C HIS D 223 -0.03 8.33 36.72
N GLN D 224 1.14 7.77 36.42
CA GLN D 224 2.43 8.46 36.61
C GLN D 224 2.44 9.87 35.98
N THR D 225 2.03 9.94 34.71
CA THR D 225 1.97 11.19 33.96
C THR D 225 1.00 12.19 34.64
N TYR D 226 -0.12 11.67 35.11
CA TYR D 226 -1.09 12.50 35.81
C TYR D 226 -0.45 13.04 37.12
N LEU D 227 0.14 12.13 37.89
CA LEU D 227 0.95 12.52 39.07
C LEU D 227 2.05 13.58 38.78
N LYS D 228 2.80 13.42 37.68
CA LYS D 228 3.92 14.31 37.40
C LYS D 228 3.56 15.57 36.56
N ALA D 229 2.32 15.67 36.12
CA ALA D 229 1.91 16.76 35.25
C ALA D 229 2.25 18.18 35.76
N PRO D 230 2.08 18.44 37.08
CA PRO D 230 2.44 19.82 37.50
C PRO D 230 3.93 20.18 37.40
N GLN D 231 4.79 19.19 37.26
CA GLN D 231 6.25 19.40 37.12
C GLN D 231 6.84 19.12 35.71
N HIS D 232 6.01 18.65 34.77
CA HIS D 232 6.45 18.48 33.38
C HIS D 232 6.87 19.81 32.78
N ALA D 233 7.86 19.74 31.87
CA ALA D 233 8.37 20.90 31.14
C ALA D 233 7.32 21.61 30.29
N GLN D 234 6.37 20.84 29.81
CA GLN D 234 5.28 21.34 28.99
C GLN D 234 4.02 21.50 29.82
N GLN D 235 3.36 22.64 29.70
CA GLN D 235 2.30 23.03 30.62
C GLN D 235 1.02 23.54 29.95
N SER D 236 1.00 23.60 28.62
CA SER D 236 -0.15 24.18 27.92
C SER D 236 -1.45 23.46 28.18
N ILE D 237 -1.40 22.15 28.26
CA ILE D 237 -2.59 21.36 28.43
C ILE D 237 -3.14 21.62 29.84
N ARG D 238 -2.28 21.59 30.86
CA ARG D 238 -2.73 21.88 32.24
C ARG D 238 -3.31 23.27 32.29
N GLU D 239 -2.68 24.23 31.62
CA GLU D 239 -3.22 25.57 31.63
C GLU D 239 -4.60 25.63 30.97
N LYS D 240 -4.77 24.90 29.86
CA LYS D 240 -6.01 24.89 29.06
C LYS D 240 -7.21 24.30 29.86
N TYR D 241 -6.93 23.27 30.65
CA TYR D 241 -7.95 22.54 31.39
C TYR D 241 -8.14 23.10 32.82
N LYS D 242 -7.62 24.30 33.08
CA LYS D 242 -8.02 25.10 34.25
C LYS D 242 -9.31 25.87 34.00
N ASN D 243 -9.61 26.16 32.72
CA ASN D 243 -10.77 26.96 32.32
C ASN D 243 -12.07 26.32 32.78
N SER D 244 -13.10 27.15 32.96
CA SER D 244 -14.42 26.70 33.41
C SER D 244 -15.14 25.92 32.33
N LYS D 245 -14.78 26.17 31.08
CA LYS D 245 -15.21 25.34 29.95
C LYS D 245 -14.93 23.85 30.18
N TYR D 246 -13.82 23.55 30.85
CA TYR D 246 -13.44 22.21 31.09
C TYR D 246 -13.56 21.94 32.60
N HIS D 247 -14.38 22.75 33.29
CA HIS D 247 -14.74 22.48 34.67
C HIS D 247 -13.52 22.40 35.56
N GLY D 248 -12.45 23.11 35.20
CA GLY D 248 -11.22 23.20 35.99
C GLY D 248 -10.58 21.87 36.38
N VAL D 249 -10.75 20.86 35.53
CA VAL D 249 -10.39 19.50 35.92
C VAL D 249 -8.88 19.24 36.11
N SER D 250 -8.02 20.08 35.53
CA SER D 250 -6.59 19.98 35.73
C SER D 250 -6.15 20.42 37.14
N LEU D 251 -7.03 21.11 37.87
CA LEU D 251 -6.74 21.47 39.27
C LEU D 251 -6.98 20.31 40.22
N LEU D 252 -7.86 19.40 39.84
CA LEU D 252 -8.19 18.21 40.64
C LEU D 252 -6.95 17.44 41.08
N ASN D 253 -7.01 16.83 42.26
CA ASN D 253 -5.91 16.03 42.80
C ASN D 253 -5.99 14.58 42.33
N PRO D 254 -4.92 14.06 41.76
CA PRO D 254 -4.98 12.69 41.29
C PRO D 254 -5.01 11.70 42.45
N PRO D 255 -5.43 10.46 42.20
CA PRO D 255 -5.27 9.44 43.22
C PRO D 255 -3.80 9.18 43.43
N GLU D 256 -3.43 8.78 44.64
CA GLU D 256 -2.06 8.37 44.94
C GLU D 256 -1.80 6.97 44.42
N THR D 257 -2.80 6.10 44.51
CA THR D 257 -2.66 4.75 44.00
C THR D 257 -3.95 4.34 43.30
N LEU D 258 -3.91 3.21 42.61
CA LEU D 258 -5.00 2.81 41.69
C LEU D 258 -5.74 1.55 42.12
N ASN D 259 -5.12 0.77 43.00
CA ASN D 259 -5.67 -0.52 43.42
C ASN D 259 -5.79 -1.58 42.32
N LEU D 260 -4.76 -1.67 41.48
CA LEU D 260 -4.74 -2.70 40.47
C LEU D 260 -3.63 -3.74 40.77
C ACE E 1 0.97 -12.09 -35.82
O ACE E 1 2.21 -12.00 -35.85
CH3 ACE E 1 0.24 -12.57 -37.03
N ARG E 2 0.20 -11.72 -34.79
CA ARG E 2 -1.20 -12.09 -34.56
C ARG E 2 -1.93 -10.99 -33.85
N ARG E 3 -2.97 -10.40 -34.45
CA ARG E 3 -3.89 -9.54 -33.76
C ARG E 3 -5.02 -10.27 -33.13
O B3L E 4 -8.88 -11.63 -30.46
C B3L E 4 -8.76 -10.41 -30.51
CB B3L E 4 -7.65 -9.85 -31.07
CA B3L E 4 -6.36 -10.69 -31.15
N B3L E 4 -5.28 -10.00 -31.84
CG B3L E 4 -5.86 -11.13 -29.80
CD B3L E 4 -4.62 -12.02 -29.71
CE2 B3L E 4 -4.89 -13.40 -30.29
CE1 B3L E 4 -4.17 -12.22 -28.24
C1 MEA E 5 -9.49 -8.15 -30.05
N MEA E 5 -9.69 -9.59 -29.98
CA MEA E 5 -10.86 -10.16 -29.28
C MEA E 5 -12.23 -9.73 -29.78
O MEA E 5 -12.38 -8.79 -30.57
CB MEA E 5 -10.73 -9.73 -27.83
CG MEA E 5 -9.52 -10.31 -27.18
CD1 MEA E 5 -8.51 -9.45 -26.77
CE1 MEA E 5 -7.35 -9.96 -26.20
CZ MEA E 5 -7.17 -11.33 -26.09
CE2 MEA E 5 -8.16 -12.18 -26.51
CD2 MEA E 5 -9.33 -11.68 -27.06
N NH2 E 6 -13.27 -10.41 -29.29
C ACE F 1 5.51 33.56 17.43
O ACE F 1 6.02 34.28 18.26
CH3 ACE F 1 4.31 34.01 16.63
N ARG F 2 6.00 32.36 17.16
CA ARG F 2 7.11 31.76 17.89
C ARG F 2 7.97 30.88 17.01
N ARG F 3 9.29 31.10 17.04
CA ARG F 3 10.19 30.25 16.29
C ARG F 3 10.79 29.25 17.19
O B3L F 4 13.12 25.56 19.10
C B3L F 4 13.38 25.67 17.91
CB B3L F 4 12.69 26.55 17.17
CA B3L F 4 11.27 26.93 17.66
N B3L F 4 10.72 27.98 16.82
CG B3L F 4 10.31 25.76 17.70
CD B3L F 4 8.86 25.98 18.17
CE2 B3L F 4 8.86 26.55 19.59
CE1 B3L F 4 8.06 24.68 18.11
C1 MEA F 5 14.56 25.02 15.88
N MEA F 5 14.29 24.88 17.31
CA MEA F 5 15.02 23.85 18.08
C MEA F 5 16.53 23.93 17.94
O MEA F 5 17.27 23.16 18.56
CB MEA F 5 14.59 22.51 17.51
CG MEA F 5 13.16 22.24 17.71
CD1 MEA F 5 12.34 22.14 16.62
CE1 MEA F 5 10.97 21.90 16.79
CZ MEA F 5 10.43 21.79 18.08
CE2 MEA F 5 11.26 21.93 19.17
CD2 MEA F 5 12.60 22.15 19.00
N NH2 F 6 17.01 24.83 17.09
N7A CK7 G . 26.29 2.08 -7.51
C3A CK7 G . 25.65 2.84 -6.61
N2A CK7 G . 24.37 2.70 -6.40
C1A CK7 G . 23.93 3.54 -5.49
C6A CK7 G . 22.49 3.51 -5.13
S4A CK7 G . 26.37 3.98 -5.69
C5A CK7 G . 24.93 4.28 -4.99
C4 CK7 G . 24.90 5.13 -3.74
N3 CK7 G . 25.99 5.86 -3.51
C5 CK7 G . 23.86 5.13 -2.81
C6 CK7 G . 24.04 5.86 -1.63
N1 CK7 G . 25.16 6.58 -1.44
C2 CK7 G . 26.14 6.55 -2.38
N7 CK7 G . 27.20 7.39 -2.21
C1B CK7 G . 28.42 7.27 -2.76
C6B CK7 G . 29.44 7.97 -2.19
C2B CK7 G . 28.68 6.49 -3.89
C3B CK7 G . 29.97 6.43 -4.43
N7B CK7 G . 30.12 5.90 -5.69
O8B CK7 G . 31.23 5.92 -6.19
O9B CK7 G . 29.16 5.85 -6.46
C4B CK7 G . 31.01 7.14 -3.84
C5B CK7 G . 30.73 7.92 -2.72
N7A CK7 H . -19.66 16.89 -8.97
N7A CK7 H . -18.08 15.41 -7.70
N7A CK7 H . -17.55 15.79 -7.98
C3A CK7 H . -19.24 15.73 -9.52
C3A CK7 H . -18.34 14.95 -8.92
C3A CK7 H . -18.16 15.16 -9.00
N2A CK7 H . -18.36 14.97 -8.87
N2A CK7 H . -18.64 15.76 -9.92
N2A CK7 H . -19.40 15.45 -9.35
C1A CK7 H . -18.06 13.90 -9.60
C1A CK7 H . -18.87 15.06 -11.02
C1A CK7 H . -19.77 14.70 -10.38
C6A CK7 H . -17.08 12.90 -9.05
C6A CK7 H . -19.23 15.72 -12.31
C6A CK7 H . -21.15 14.84 -10.95
S4A CK7 H . -19.71 15.18 -10.99
S4A CK7 H . -18.32 13.37 -9.27
S4A CK7 H . -17.42 14.02 -9.89
C5A CK7 H . -18.73 13.89 -10.77
C5A CK7 H . -18.72 13.75 -10.79
C5A CK7 H . -18.78 13.88 -10.75
C4 CK7 H . -18.66 12.80 -11.82
C4 CK7 H . -18.88 12.69 -11.85
C4 CK7 H . -18.94 12.78 -11.77
N3 CK7 H . -19.42 12.94 -12.91
N3 CK7 H . -19.80 12.81 -12.82
N3 CK7 H . -19.74 12.92 -12.84
C5 CK7 H . -18.08 11.55 -11.58
C5 CK7 H . -18.06 11.58 -11.82
C5 CK7 H . -18.17 11.63 -11.65
C6 CK7 H . -18.35 10.51 -12.45
C6 CK7 H . -18.21 10.63 -12.80
C6 CK7 H . -18.25 10.68 -12.64
N1 CK7 H . -19.12 10.74 -13.51
N1 CK7 H . -19.12 10.79 -13.75
N1 CK7 H . -19.05 10.85 -13.68
C2 CK7 H . -19.67 11.91 -13.74
C2 CK7 H . -19.91 11.87 -13.78
C2 CK7 H . -19.80 11.96 -13.79
N7 CK7 H . -20.57 11.99 -14.78
N7 CK7 H . -20.30 12.23 -15.04
N7 CK7 H . -20.21 12.28 -15.05
C1B CK7 H . -21.34 13.08 -15.12
C1B CK7 H . -21.26 13.13 -15.38
C1B CK7 H . -21.16 13.19 -15.39
C6B CK7 H . -21.86 13.09 -16.41
C6B CK7 H . -22.05 12.87 -16.49
C6B CK7 H . -22.07 12.88 -16.40
C2B CK7 H . -21.66 14.12 -14.25
C2B CK7 H . -21.42 14.33 -14.69
C2B CK7 H . -21.23 14.43 -14.75
C3B CK7 H . -22.46 15.19 -14.68
C3B CK7 H . -22.40 15.24 -15.07
C3B CK7 H . -22.20 15.35 -15.11
N7B CK7 H . -22.54 16.34 -13.94
N7B CK7 H . -22.41 16.49 -14.54
N7B CK7 H . -22.22 16.58 -14.53
O8B CK7 H . -23.27 16.36 -12.94
O8B CK7 H . -23.46 17.09 -14.41
O8B CK7 H . -23.26 17.22 -14.48
O9B CK7 H . -21.73 17.27 -14.09
O9B CK7 H . -21.36 17.02 -14.21
O9B CK7 H . -21.25 16.98 -13.90
C4B CK7 H . -22.97 15.18 -15.97
C4B CK7 H . -23.21 14.96 -16.17
C4B CK7 H . -23.11 15.04 -16.12
C5B CK7 H . -22.67 14.13 -16.83
C5B CK7 H . -23.03 13.79 -16.88
C5B CK7 H . -23.04 13.81 -16.75
#